data_4JUI
#
_entry.id   4JUI
#
_cell.length_a   47.212
_cell.length_b   62.943
_cell.length_c   84.412
_cell.angle_alpha   70.66
_cell.angle_beta   85.49
_cell.angle_gamma   79.51
#
_symmetry.space_group_name_H-M   'P 1'
#
loop_
_entity.id
_entity.type
_entity.pdbx_description
1 polymer Tannase
2 non-polymer 'ethyl 3,4,5-trihydroxybenzoate'
3 non-polymer 'TETRAETHYLENE GLYCOL'
4 non-polymer DI(HYDROXYETHYL)ETHER
5 non-polymer 'TRIETHYLENE GLYCOL'
6 water water
#
_entity_poly.entity_id   1
_entity_poly.type   'polypeptide(L)'
_entity_poly.pdbx_seq_one_letter_code
;SMSNRLIFDADWLVPEQVQVAGQAIQYYAARNIQYVQHPVAAIQVLNVFVPAAYLHGSSVNGYQRATAPILMPNTVGGYL
PGPADDPQRVTWPTNAGTIQQALKRGYVVVAAGIRGRTTVDKSGQRVGQAPAFIVDMKAAIRYVKYNQGRLPGDANRIIT
NGTAAGGATSALAGASGNSAYFEPALTALGAAPATDDIFAVSAYCPIHNLEHADMAYEWQFNGINDWHRYQPVAGTTKNG
RPKFEPVSGQLTVEEQALSLALKAQFSTYLNQLKLTASDGTHLTLNEAGMGSFRDVVRQLLISSAQTAFDQGTDIHKYAG
FVVTGNQVTDLDLSAYLKSLTRMKAVPAFDQLDLTSPENNLFGDATAKAKHFTALAQTRSTVTAQLADAELIQAINPLSY
LTTTSSQVAKHWRIRHGAADRDTSFAIPIILAIMLENHGYGIDFALPWDIPHSGDYDLGDLFSWIDGLCQ
;
_entity_poly.pdbx_strand_id   A,B
#
loop_
_chem_comp.id
_chem_comp.type
_chem_comp.name
_chem_comp.formula
EGR non-polymer 'ethyl 3,4,5-trihydroxybenzoate' 'C9 H10 O5'
PEG non-polymer DI(HYDROXYETHYL)ETHER 'C4 H10 O3'
PG4 non-polymer 'TETRAETHYLENE GLYCOL' 'C8 H18 O5'
PGE non-polymer 'TRIETHYLENE GLYCOL' 'C6 H14 O4'
#
# COMPACT_ATOMS: atom_id res chain seq x y z
N SER A 1 47.59 -13.08 17.03
CA SER A 1 47.64 -14.51 17.31
C SER A 1 47.12 -14.82 18.72
N MET A 2 47.19 -16.09 19.09
CA MET A 2 46.78 -16.52 20.44
C MET A 2 47.65 -15.94 21.57
N SER A 3 48.84 -15.47 21.22
CA SER A 3 49.71 -14.81 22.20
C SER A 3 49.13 -13.48 22.66
N ASN A 4 48.23 -12.91 21.86
CA ASN A 4 47.51 -11.71 22.26
C ASN A 4 46.37 -12.13 23.18
N ARG A 5 46.53 -11.86 24.48
CA ARG A 5 45.58 -12.33 25.50
C ARG A 5 44.37 -11.42 25.65
N LEU A 6 44.41 -10.29 24.95
CA LEU A 6 43.34 -9.30 24.98
C LEU A 6 43.13 -8.79 26.40
N ILE A 7 44.21 -8.76 27.18
CA ILE A 7 44.16 -8.22 28.54
C ILE A 7 44.69 -6.79 28.55
N PHE A 8 43.81 -5.84 28.87
CA PHE A 8 44.22 -4.46 29.02
C PHE A 8 45.07 -4.26 30.26
N ASP A 9 46.10 -3.42 30.15
CA ASP A 9 46.98 -3.10 31.28
C ASP A 9 47.03 -1.57 31.45
N ALA A 10 46.58 -1.09 32.61
CA ALA A 10 46.56 0.35 32.87
C ALA A 10 47.97 0.96 32.86
N ASP A 11 48.97 0.08 32.96
CA ASP A 11 50.37 0.46 32.85
C ASP A 11 50.68 1.12 31.50
N TRP A 12 49.85 0.84 30.50
CA TRP A 12 50.05 1.35 29.16
C TRP A 12 49.68 2.82 29.04
N LEU A 13 48.88 3.32 29.99
CA LEU A 13 48.37 4.67 29.91
C LEU A 13 49.48 5.71 30.15
N VAL A 14 49.58 6.67 29.23
CA VAL A 14 50.60 7.71 29.35
C VAL A 14 49.94 9.09 29.34
N PRO A 15 50.50 10.03 30.11
CA PRO A 15 49.86 11.33 30.31
C PRO A 15 49.96 12.25 29.10
N GLU A 16 48.84 12.89 28.76
CA GLU A 16 48.77 13.87 27.69
C GLU A 16 47.80 14.98 28.10
N GLN A 17 47.73 16.04 27.32
CA GLN A 17 46.76 17.10 27.58
C GLN A 17 46.27 17.74 26.29
N VAL A 18 45.08 18.34 26.36
CA VAL A 18 44.47 18.97 25.21
C VAL A 18 43.67 20.17 25.71
N GLN A 19 43.58 21.22 24.89
CA GLN A 19 42.82 22.40 25.27
C GLN A 19 41.34 22.25 24.91
N VAL A 20 40.47 22.54 25.87
CA VAL A 20 39.03 22.54 25.63
C VAL A 20 38.45 23.81 26.23
N ALA A 21 37.80 24.62 25.39
CA ALA A 21 37.23 25.89 25.85
C ALA A 21 38.26 26.74 26.58
N GLY A 22 39.50 26.71 26.11
CA GLY A 22 40.54 27.56 26.66
C GLY A 22 41.12 27.10 28.00
N GLN A 23 40.88 25.83 28.34
CA GLN A 23 41.45 25.27 29.56
C GLN A 23 42.09 23.92 29.26
N ALA A 24 43.08 23.54 30.07
CA ALA A 24 43.77 22.27 29.90
C ALA A 24 42.95 21.10 30.42
N ILE A 25 42.77 20.09 29.58
CA ILE A 25 42.11 18.87 29.99
C ILE A 25 43.17 17.77 29.99
N GLN A 26 43.55 17.31 31.18
CA GLN A 26 44.54 16.25 31.29
C GLN A 26 43.88 14.88 31.18
N TYR A 27 44.52 13.98 30.44
CA TYR A 27 44.01 12.63 30.24
C TYR A 27 45.19 11.69 30.03
N TYR A 28 44.91 10.39 30.03
CA TYR A 28 45.92 9.39 29.73
C TYR A 28 45.49 8.61 28.50
N ALA A 29 46.46 8.12 27.74
CA ALA A 29 46.16 7.46 26.47
C ALA A 29 46.87 6.12 26.36
N ALA A 30 46.20 5.16 25.72
CA ALA A 30 46.84 3.91 25.32
C ALA A 30 46.36 3.66 23.90
N ARG A 31 47.30 3.62 22.96
CA ARG A 31 46.92 3.52 21.55
C ARG A 31 47.29 2.21 20.89
N ASN A 32 46.63 1.94 19.77
CA ASN A 32 47.02 0.84 18.87
C ASN A 32 46.90 -0.53 19.51
N ILE A 33 45.81 -0.72 20.25
CA ILE A 33 45.55 -1.99 20.92
C ILE A 33 44.85 -2.94 19.96
N GLN A 34 45.47 -4.09 19.69
CA GLN A 34 44.82 -5.10 18.84
C GLN A 34 43.70 -5.75 19.65
N TYR A 35 42.46 -5.54 19.21
CA TYR A 35 41.32 -5.94 20.04
C TYR A 35 40.73 -7.32 19.70
N VAL A 36 41.25 -7.95 18.65
CA VAL A 36 40.96 -9.37 18.41
C VAL A 36 42.25 -10.17 18.21
N GLN A 37 42.16 -11.48 18.36
CA GLN A 37 43.34 -12.32 18.27
C GLN A 37 43.72 -12.65 16.83
N HIS A 38 42.77 -12.56 15.92
CA HIS A 38 43.05 -12.87 14.51
C HIS A 38 42.59 -11.80 13.54
N PRO A 39 43.18 -10.59 13.63
CA PRO A 39 42.77 -9.49 12.77
C PRO A 39 43.07 -9.74 11.30
N VAL A 40 42.24 -9.19 10.41
CA VAL A 40 42.47 -9.35 8.98
C VAL A 40 42.87 -8.03 8.31
N ALA A 41 42.80 -6.95 9.08
CA ALA A 41 43.12 -5.62 8.57
C ALA A 41 43.81 -4.79 9.63
N ALA A 42 44.77 -3.96 9.20
CA ALA A 42 45.52 -3.11 10.12
C ALA A 42 44.63 -2.14 10.89
N ILE A 43 43.48 -1.81 10.33
CA ILE A 43 42.62 -0.81 10.94
C ILE A 43 41.97 -1.30 12.24
N GLN A 44 41.99 -2.61 12.46
CA GLN A 44 41.32 -3.22 13.61
C GLN A 44 42.11 -3.06 14.91
N VAL A 45 42.30 -1.83 15.34
CA VAL A 45 42.93 -1.55 16.64
C VAL A 45 42.07 -0.50 17.31
N LEU A 46 42.22 -0.33 18.62
CA LEU A 46 41.43 0.68 19.33
C LEU A 46 42.32 1.51 20.24
N ASN A 47 41.87 2.73 20.52
CA ASN A 47 42.55 3.65 21.41
C ASN A 47 41.71 3.88 22.66
N VAL A 48 42.36 4.03 23.80
CA VAL A 48 41.68 4.25 25.06
C VAL A 48 42.16 5.57 25.66
N PHE A 49 41.22 6.43 26.05
CA PHE A 49 41.54 7.72 26.65
C PHE A 49 40.78 7.90 27.95
N VAL A 50 41.50 8.35 28.99
CA VAL A 50 40.99 8.31 30.35
C VAL A 50 41.24 9.64 31.02
N PRO A 51 40.19 10.27 31.57
CA PRO A 51 40.41 11.51 32.31
C PRO A 51 41.46 11.29 33.39
N ALA A 52 42.38 12.24 33.52
CA ALA A 52 43.54 12.08 34.39
C ALA A 52 43.19 11.79 35.84
N ALA A 53 42.07 12.35 36.32
CA ALA A 53 41.67 12.14 37.71
C ALA A 53 41.53 10.66 38.07
N TYR A 54 41.15 9.86 37.09
CA TYR A 54 40.87 8.44 37.32
C TYR A 54 42.13 7.62 37.59
N LEU A 55 43.30 8.20 37.30
CA LEU A 55 44.55 7.54 37.67
CA LEU A 55 44.56 7.55 37.65
C LEU A 55 45.15 8.13 38.94
N HIS A 56 44.40 9.02 39.59
CA HIS A 56 44.89 9.65 40.80
C HIS A 56 43.85 9.59 41.91
N GLY A 57 42.91 8.67 41.77
CA GLY A 57 41.88 8.46 42.79
C GLY A 57 40.95 9.64 43.00
N SER A 58 40.56 10.30 41.92
CA SER A 58 39.70 11.48 42.07
C SER A 58 38.52 11.45 41.11
N SER A 59 37.71 12.51 41.16
CA SER A 59 36.44 12.55 40.46
C SER A 59 36.39 13.62 39.37
N VAL A 60 35.56 13.37 38.35
CA VAL A 60 35.22 14.37 37.35
C VAL A 60 33.71 14.33 37.11
N ASN A 61 33.04 15.47 37.30
CA ASN A 61 31.62 15.58 36.93
C ASN A 61 30.78 14.47 37.57
N GLY A 62 31.10 14.16 38.83
CA GLY A 62 30.32 13.19 39.59
C GLY A 62 30.68 11.74 39.30
N TYR A 63 31.72 11.54 38.49
CA TYR A 63 32.17 10.19 38.15
C TYR A 63 33.57 9.89 38.71
N GLN A 64 33.84 8.59 38.90
CA GLN A 64 35.13 8.11 39.38
C GLN A 64 35.61 7.01 38.43
N ARG A 65 36.81 6.48 38.67
CA ARG A 65 37.37 5.44 37.80
C ARG A 65 36.41 4.28 37.55
N ALA A 66 35.77 3.81 38.62
CA ALA A 66 34.92 2.62 38.52
C ALA A 66 33.53 2.90 37.94
N THR A 67 33.13 4.17 37.88
CA THR A 67 31.74 4.51 37.55
C THR A 67 31.54 5.34 36.29
N ALA A 68 32.62 5.85 35.72
CA ALA A 68 32.50 6.74 34.56
C ALA A 68 31.87 6.04 33.35
N PRO A 69 31.04 6.77 32.60
CA PRO A 69 30.50 6.18 31.37
C PRO A 69 31.63 5.89 30.38
N ILE A 70 31.47 4.87 29.56
CA ILE A 70 32.45 4.61 28.50
C ILE A 70 31.82 4.99 27.17
N LEU A 71 32.28 6.10 26.60
CA LEU A 71 31.81 6.52 25.28
C LEU A 71 32.58 5.78 24.20
N MET A 72 31.87 5.15 23.29
CA MET A 72 32.50 4.45 22.18
C MET A 72 32.05 5.03 20.86
N PRO A 73 32.72 6.11 20.42
CA PRO A 73 32.37 6.76 19.15
C PRO A 73 33.03 6.02 18.00
N ASN A 74 32.47 6.19 16.80
CA ASN A 74 33.11 5.63 15.62
C ASN A 74 33.25 6.70 14.55
N THR A 75 34.18 6.49 13.61
CA THR A 75 34.41 7.45 12.54
C THR A 75 33.90 6.92 11.19
N VAL A 76 33.00 5.97 11.24
CA VAL A 76 32.44 5.39 10.00
C VAL A 76 31.54 6.42 9.30
N GLY A 77 31.81 6.64 8.02
CA GLY A 77 30.95 7.42 7.15
C GLY A 77 30.94 6.79 5.76
N GLY A 78 29.79 6.79 5.11
CA GLY A 78 29.69 6.23 3.77
C GLY A 78 29.94 4.73 3.74
N TYR A 79 29.87 4.09 4.91
CA TYR A 79 30.18 2.67 5.05
C TYR A 79 31.61 2.38 4.64
N LEU A 80 32.44 3.41 4.77
CA LEU A 80 33.86 3.33 4.50
C LEU A 80 34.58 2.94 5.80
N PRO A 81 35.87 2.57 5.72
CA PRO A 81 36.60 2.26 6.95
C PRO A 81 36.63 3.45 7.90
N GLY A 82 36.58 3.19 9.20
CA GLY A 82 36.60 4.26 10.17
C GLY A 82 37.76 4.06 11.13
N PRO A 83 38.87 4.77 10.88
CA PRO A 83 40.07 4.56 11.71
C PRO A 83 39.84 4.92 13.17
N ALA A 84 40.64 4.32 14.04
CA ALA A 84 40.58 4.62 15.49
C ALA A 84 40.82 6.11 15.72
N ASP A 85 39.93 6.75 16.46
CA ASP A 85 39.98 8.20 16.64
C ASP A 85 40.85 8.58 17.84
N ASP A 86 41.10 9.88 18.02
CA ASP A 86 42.15 10.34 18.90
C ASP A 86 41.87 11.82 19.16
N PRO A 87 41.97 12.28 20.43
CA PRO A 87 41.74 13.72 20.66
C PRO A 87 42.81 14.59 20.00
N GLN A 88 43.92 13.99 19.58
CA GLN A 88 45.00 14.72 18.92
C GLN A 88 44.95 14.56 17.41
N ARG A 89 44.01 13.78 16.90
CA ARG A 89 43.94 13.48 15.47
C ARG A 89 43.41 14.70 14.71
N VAL A 90 44.06 15.01 13.59
CA VAL A 90 43.63 16.09 12.72
C VAL A 90 43.26 15.55 11.34
N THR A 91 43.73 14.34 11.05
CA THR A 91 43.47 13.67 9.78
C THR A 91 42.03 13.21 9.67
N TRP A 92 41.46 13.39 8.48
CA TRP A 92 40.09 13.01 8.23
C TRP A 92 39.98 11.52 7.94
N PRO A 93 38.92 10.86 8.44
CA PRO A 93 37.84 11.42 9.26
C PRO A 93 38.21 11.42 10.74
N THR A 94 37.63 12.34 11.50
CA THR A 94 37.89 12.42 12.94
C THR A 94 36.80 13.21 13.63
N ASN A 95 36.46 12.78 14.85
CA ASN A 95 35.61 13.54 15.76
C ASN A 95 36.43 13.89 17.00
N ALA A 96 37.67 14.31 16.77
CA ALA A 96 38.62 14.61 17.84
C ALA A 96 38.04 15.58 18.86
N GLY A 97 37.34 16.60 18.37
CA GLY A 97 36.73 17.61 19.22
C GLY A 97 35.75 17.01 20.19
N THR A 98 34.99 16.02 19.74
CA THR A 98 34.03 15.34 20.62
C THR A 98 34.72 14.53 21.72
N ILE A 99 35.83 13.87 21.37
CA ILE A 99 36.62 13.13 22.36
C ILE A 99 37.17 14.07 23.44
N GLN A 100 37.66 15.23 23.02
CA GLN A 100 38.16 16.25 23.95
C GLN A 100 37.06 16.67 24.92
N GLN A 101 35.88 16.94 24.39
CA GLN A 101 34.77 17.39 25.23
C GLN A 101 34.28 16.27 26.15
N ALA A 102 34.32 15.03 25.65
CA ALA A 102 33.91 13.87 26.45
C ALA A 102 34.84 13.69 27.64
N LEU A 103 36.13 13.87 27.41
CA LEU A 103 37.10 13.71 28.48
C LEU A 103 36.89 14.77 29.56
N LYS A 104 36.55 15.98 29.13
CA LYS A 104 36.29 17.07 30.05
C LYS A 104 35.05 16.76 30.89
N ARG A 105 34.10 16.04 30.28
CA ARG A 105 32.85 15.67 30.91
C ARG A 105 33.04 14.48 31.86
N GLY A 106 34.21 13.87 31.82
CA GLY A 106 34.53 12.75 32.70
C GLY A 106 34.30 11.36 32.13
N TYR A 107 34.08 11.27 30.81
CA TYR A 107 33.85 9.96 30.20
C TYR A 107 35.18 9.34 29.82
N VAL A 108 35.28 8.03 30.02
CA VAL A 108 36.35 7.26 29.41
C VAL A 108 35.96 7.09 27.95
N VAL A 109 36.91 7.22 27.03
CA VAL A 109 36.61 7.06 25.62
C VAL A 109 37.38 5.89 25.04
N VAL A 110 36.67 4.96 24.41
CA VAL A 110 37.31 3.84 23.72
C VAL A 110 36.94 3.99 22.25
N ALA A 111 37.92 4.38 21.44
CA ALA A 111 37.69 4.71 20.04
C ALA A 111 38.24 3.60 19.17
N ALA A 112 37.36 2.82 18.55
CA ALA A 112 37.83 1.63 17.84
C ALA A 112 37.89 1.87 16.34
N GLY A 113 38.92 1.30 15.70
CA GLY A 113 39.01 1.29 14.25
C GLY A 113 38.08 0.22 13.68
N ILE A 114 37.37 0.57 12.61
CA ILE A 114 36.34 -0.30 12.02
C ILE A 114 36.58 -0.47 10.53
N ARG A 115 36.66 -1.72 10.06
CA ARG A 115 36.76 -2.00 8.62
C ARG A 115 35.57 -1.43 7.86
N GLY A 116 35.77 -1.10 6.59
CA GLY A 116 34.70 -0.62 5.72
C GLY A 116 34.78 -1.22 4.34
N ARG A 117 33.91 -0.76 3.45
CA ARG A 117 33.71 -1.47 2.17
C ARG A 117 34.93 -1.50 1.25
N THR A 118 35.88 -0.61 1.47
CA THR A 118 37.09 -0.52 0.65
C THR A 118 38.31 -1.18 1.31
N THR A 119 38.13 -1.73 2.51
CA THR A 119 39.25 -2.36 3.22
C THR A 119 39.72 -3.62 2.50
N VAL A 120 41.02 -3.74 2.29
CA VAL A 120 41.56 -4.97 1.71
C VAL A 120 42.61 -5.55 2.64
N ASP A 121 42.81 -6.87 2.54
CA ASP A 121 43.83 -7.51 3.37
C ASP A 121 45.21 -7.33 2.76
N LYS A 122 46.20 -7.98 3.37
CA LYS A 122 47.58 -7.93 2.89
C LYS A 122 47.72 -8.44 1.45
N SER A 123 46.74 -9.18 0.97
CA SER A 123 46.80 -9.78 -0.37
C SER A 123 45.97 -9.02 -1.41
N GLY A 124 45.26 -7.98 -0.99
CA GLY A 124 44.45 -7.20 -1.91
C GLY A 124 43.00 -7.64 -2.01
N GLN A 125 42.63 -8.62 -1.18
CA GLN A 125 41.27 -9.14 -1.18
C GLN A 125 40.35 -8.29 -0.29
N ARG A 126 39.11 -8.08 -0.71
CA ARG A 126 38.16 -7.31 0.08
C ARG A 126 37.75 -8.03 1.35
N VAL A 127 37.92 -7.38 2.50
CA VAL A 127 37.57 -8.01 3.77
C VAL A 127 36.71 -7.10 4.67
N GLY A 128 36.12 -6.06 4.08
CA GLY A 128 35.43 -5.06 4.88
C GLY A 128 33.99 -4.76 4.50
N GLN A 129 33.40 -5.57 3.63
CA GLN A 129 31.99 -5.39 3.27
C GLN A 129 31.11 -6.01 4.34
N ALA A 130 29.80 -5.85 4.22
CA ALA A 130 28.88 -6.27 5.28
C ALA A 130 29.04 -7.77 5.60
N PRO A 131 29.01 -8.13 6.90
CA PRO A 131 28.77 -7.26 8.06
C PRO A 131 30.02 -6.83 8.83
N ALA A 132 31.16 -6.63 8.17
CA ALA A 132 32.41 -6.33 8.87
C ALA A 132 32.30 -5.16 9.84
N PHE A 133 31.60 -4.10 9.43
CA PHE A 133 31.52 -2.89 10.26
C PHE A 133 30.95 -3.17 11.65
N ILE A 134 29.86 -3.92 11.70
CA ILE A 134 29.21 -4.20 12.98
C ILE A 134 29.92 -5.31 13.74
N VAL A 135 30.58 -6.21 13.03
CA VAL A 135 31.39 -7.25 13.66
C VAL A 135 32.56 -6.61 14.43
N ASP A 136 33.21 -5.63 13.81
CA ASP A 136 34.31 -4.92 14.48
C ASP A 136 33.83 -4.13 15.68
N MET A 137 32.70 -3.45 15.53
CA MET A 137 32.13 -2.67 16.64
C MET A 137 31.84 -3.59 17.83
N LYS A 138 31.23 -4.74 17.54
CA LYS A 138 30.94 -5.72 18.58
C LYS A 138 32.20 -6.29 19.21
N ALA A 139 33.22 -6.55 18.39
CA ALA A 139 34.48 -7.09 18.92
C ALA A 139 35.12 -6.06 19.86
N ALA A 140 35.03 -4.78 19.50
CA ALA A 140 35.60 -3.74 20.34
C ALA A 140 34.84 -3.64 21.66
N ILE A 141 33.53 -3.77 21.59
CA ILE A 141 32.70 -3.74 22.79
C ILE A 141 33.04 -4.93 23.68
N ARG A 142 33.22 -6.11 23.07
CA ARG A 142 33.59 -7.29 23.83
C ARG A 142 34.93 -7.13 24.51
N TYR A 143 35.86 -6.43 23.86
CA TYR A 143 37.18 -6.21 24.45
C TYR A 143 37.01 -5.37 25.71
N VAL A 144 36.18 -4.33 25.61
CA VAL A 144 35.92 -3.47 26.76
C VAL A 144 35.28 -4.23 27.91
N LYS A 145 34.22 -4.99 27.61
CA LYS A 145 33.49 -5.72 28.66
C LYS A 145 34.31 -6.85 29.27
N TYR A 146 35.10 -7.54 28.46
CA TYR A 146 36.07 -8.52 28.95
C TYR A 146 37.04 -7.90 29.96
N ASN A 147 37.43 -6.65 29.71
CA ASN A 147 38.39 -5.94 30.54
C ASN A 147 37.78 -5.02 31.58
N GLN A 148 36.52 -5.27 31.91
CA GLN A 148 35.84 -4.54 32.98
C GLN A 148 36.70 -4.51 34.24
N GLY A 149 36.88 -3.33 34.82
CA GLY A 149 37.72 -3.20 36.00
C GLY A 149 39.17 -2.87 35.67
N ARG A 150 39.76 -3.67 34.77
CA ARG A 150 41.13 -3.40 34.31
C ARG A 150 41.18 -2.09 33.53
N LEU A 151 40.19 -1.90 32.66
CA LEU A 151 40.01 -0.67 31.92
C LEU A 151 39.25 0.30 32.82
N PRO A 152 39.69 1.57 32.91
CA PRO A 152 38.89 2.53 33.68
C PRO A 152 37.52 2.71 33.04
N GLY A 153 36.51 3.07 33.82
CA GLY A 153 35.17 3.22 33.28
C GLY A 153 34.25 2.07 33.69
N ASP A 154 32.95 2.32 33.64
CA ASP A 154 31.94 1.31 33.94
C ASP A 154 31.54 0.60 32.64
N ALA A 155 31.92 -0.67 32.52
CA ALA A 155 31.62 -1.46 31.33
C ALA A 155 30.13 -1.73 31.17
N ASN A 156 29.37 -1.48 32.21
CA ASN A 156 27.92 -1.58 32.12
C ASN A 156 27.27 -0.25 31.75
N ARG A 157 28.11 0.72 31.39
CA ARG A 157 27.62 2.02 30.94
C ARG A 157 28.27 2.42 29.63
N ILE A 158 28.32 1.47 28.68
CA ILE A 158 28.82 1.78 27.35
C ILE A 158 27.76 2.52 26.53
N ILE A 159 28.15 3.65 25.96
CA ILE A 159 27.29 4.42 25.10
C ILE A 159 28.01 4.60 23.77
N THR A 160 27.46 4.02 22.70
CA THR A 160 28.03 4.20 21.37
C THR A 160 27.57 5.52 20.79
N ASN A 161 28.37 6.07 19.88
CA ASN A 161 28.02 7.30 19.18
C ASN A 161 28.54 7.24 17.75
N GLY A 162 27.80 7.81 16.80
CA GLY A 162 28.25 7.85 15.43
C GLY A 162 27.33 8.69 14.56
N THR A 163 27.82 9.07 13.39
CA THR A 163 27.07 9.91 12.45
C THR A 163 26.85 9.17 11.13
N ALA A 164 25.62 9.24 10.61
CA ALA A 164 25.28 8.70 9.29
C ALA A 164 25.46 7.18 9.22
N ALA A 165 26.33 6.67 8.36
CA ALA A 165 26.61 5.23 8.42
C ALA A 165 27.09 4.86 9.81
N GLY A 166 27.81 5.78 10.45
CA GLY A 166 28.29 5.58 11.81
C GLY A 166 27.17 5.62 12.83
N GLY A 167 26.11 6.36 12.49
CA GLY A 167 24.90 6.39 13.31
C GLY A 167 24.15 5.08 13.22
N ALA A 168 24.09 4.51 12.02
CA ALA A 168 23.52 3.18 11.84
C ALA A 168 24.34 2.14 12.60
N THR A 169 25.66 2.32 12.60
CA THR A 169 26.54 1.42 13.36
C THR A 169 26.24 1.46 14.86
N SER A 170 26.17 2.66 15.41
CA SER A 170 25.81 2.87 16.82
C SER A 170 24.44 2.25 17.12
N ALA A 171 23.44 2.57 16.30
CA ALA A 171 22.09 2.01 16.48
C ALA A 171 22.07 0.48 16.38
N LEU A 172 22.82 -0.08 15.44
CA LEU A 172 22.83 -1.52 15.26
C LEU A 172 23.45 -2.20 16.49
N ALA A 173 24.51 -1.58 17.03
CA ALA A 173 25.12 -2.10 18.24
C ALA A 173 24.12 -2.11 19.41
N GLY A 174 23.34 -1.05 19.53
CA GLY A 174 22.32 -0.98 20.57
C GLY A 174 21.19 -1.96 20.34
N ALA A 175 20.83 -2.16 19.08
CA ALA A 175 19.70 -3.03 18.74
C ALA A 175 20.03 -4.52 18.87
N SER A 176 21.26 -4.89 18.50
CA SER A 176 21.55 -6.30 18.25
C SER A 176 22.43 -6.99 19.29
N GLY A 177 22.39 -6.51 20.53
CA GLY A 177 23.24 -7.08 21.58
C GLY A 177 23.18 -8.61 21.69
N ASN A 178 24.35 -9.24 21.59
CA ASN A 178 24.47 -10.69 21.74
C ASN A 178 23.65 -11.51 20.73
N SER A 179 23.43 -10.95 19.55
CA SER A 179 22.74 -11.67 18.49
C SER A 179 23.60 -12.83 18.02
N ALA A 180 22.99 -14.01 17.92
CA ALA A 180 23.73 -15.21 17.54
C ALA A 180 24.21 -15.16 16.10
N TYR A 181 23.64 -14.26 15.30
CA TYR A 181 24.00 -14.14 13.89
C TYR A 181 25.48 -13.84 13.70
N PHE A 182 26.03 -13.02 14.60
CA PHE A 182 27.41 -12.53 14.46
C PHE A 182 28.44 -13.41 15.16
N GLU A 183 27.98 -14.43 15.87
CA GLU A 183 28.90 -15.29 16.61
C GLU A 183 30.00 -15.98 15.78
N PRO A 184 29.66 -16.55 14.60
CA PRO A 184 30.72 -17.18 13.79
C PRO A 184 31.82 -16.21 13.36
N ALA A 185 31.44 -15.00 12.93
CA ALA A 185 32.41 -13.99 12.50
C ALA A 185 33.30 -13.56 13.67
N LEU A 186 32.70 -13.40 14.83
CA LEU A 186 33.44 -12.98 16.01
C LEU A 186 34.38 -14.09 16.52
N THR A 187 33.93 -15.33 16.41
CA THR A 187 34.77 -16.48 16.75
C THR A 187 35.97 -16.55 15.81
N ALA A 188 35.73 -16.31 14.53
CA ALA A 188 36.78 -16.39 13.52
C ALA A 188 37.82 -15.29 13.72
N LEU A 189 37.38 -14.13 14.19
CA LEU A 189 38.30 -13.04 14.52
C LEU A 189 39.08 -13.31 15.80
N GLY A 190 38.56 -14.19 16.65
CA GLY A 190 39.14 -14.35 17.98
C GLY A 190 38.85 -13.15 18.88
N ALA A 191 37.59 -12.74 18.89
CA ALA A 191 37.15 -11.65 19.76
C ALA A 191 37.16 -12.12 21.21
N ALA A 192 37.22 -11.16 22.12
CA ALA A 192 37.22 -11.45 23.56
C ALA A 192 35.97 -12.20 23.98
N PRO A 193 36.12 -13.10 24.98
CA PRO A 193 34.98 -13.85 25.51
C PRO A 193 34.17 -13.01 26.50
N ALA A 194 33.28 -12.19 25.95
CA ALA A 194 32.43 -11.32 26.75
C ALA A 194 31.20 -11.00 25.95
N THR A 195 30.26 -10.28 26.54
CA THR A 195 29.02 -9.90 25.85
C THR A 195 29.23 -8.61 25.06
N ASP A 196 28.27 -8.25 24.23
CA ASP A 196 28.37 -7.00 23.48
C ASP A 196 27.12 -6.14 23.53
N ASP A 197 26.20 -6.45 24.43
CA ASP A 197 25.07 -5.55 24.67
C ASP A 197 25.58 -4.29 25.37
N ILE A 198 24.99 -3.15 25.01
CA ILE A 198 25.44 -1.88 25.54
C ILE A 198 24.35 -1.15 26.33
N PHE A 199 24.73 -0.07 27.00
CA PHE A 199 23.82 0.67 27.87
C PHE A 199 22.93 1.68 27.15
N ALA A 200 23.51 2.45 26.24
CA ALA A 200 22.73 3.48 25.57
C ALA A 200 23.28 3.78 24.18
N VAL A 201 22.42 4.33 23.32
CA VAL A 201 22.80 4.65 21.96
C VAL A 201 22.64 6.14 21.69
N SER A 202 23.68 6.75 21.14
CA SER A 202 23.56 8.05 20.49
C SER A 202 23.76 7.88 18.99
N ALA A 203 22.82 8.35 18.18
CA ALA A 203 22.92 8.20 16.74
C ALA A 203 22.48 9.47 16.04
N TYR A 204 23.40 10.03 15.24
CA TYR A 204 23.10 11.16 14.38
C TYR A 204 22.82 10.66 12.97
N CYS A 205 21.74 11.17 12.39
CA CYS A 205 21.26 10.81 11.05
C CYS A 205 21.58 9.37 10.59
N PRO A 206 21.10 8.37 11.35
CA PRO A 206 21.49 7.00 11.03
C PRO A 206 21.02 6.57 9.63
N ILE A 207 21.96 6.22 8.76
CA ILE A 207 21.64 5.77 7.41
C ILE A 207 21.44 4.24 7.47
N HIS A 208 20.22 3.85 7.77
CA HIS A 208 19.87 2.45 8.04
C HIS A 208 18.55 2.13 7.37
N ASN A 209 18.06 0.91 7.60
CA ASN A 209 16.84 0.42 6.94
C ASN A 209 16.98 0.54 5.43
N LEU A 210 18.14 0.12 4.92
CA LEU A 210 18.57 0.45 3.57
C LEU A 210 17.63 -0.16 2.52
N GLU A 211 17.08 -1.33 2.83
CA GLU A 211 16.22 -2.05 1.89
C GLU A 211 14.83 -1.43 1.74
N HIS A 212 14.53 -0.42 2.58
CA HIS A 212 13.28 0.33 2.44
C HIS A 212 13.48 1.83 2.22
N ALA A 213 14.74 2.24 2.13
CA ALA A 213 15.08 3.66 2.03
C ALA A 213 14.73 4.27 0.66
N ASP A 214 14.74 3.46 -0.40
CA ASP A 214 14.35 3.95 -1.72
C ASP A 214 12.87 4.30 -1.74
N MET A 215 12.06 3.47 -1.11
CA MET A 215 10.62 3.75 -1.02
C MET A 215 10.37 5.01 -0.22
N ALA A 216 11.04 5.14 0.93
CA ALA A 216 10.85 6.30 1.79
C ALA A 216 11.28 7.57 1.06
N TYR A 217 12.37 7.48 0.31
CA TYR A 217 12.93 8.67 -0.31
C TYR A 217 11.97 9.22 -1.35
N GLU A 218 11.35 8.33 -2.11
CA GLU A 218 10.41 8.75 -3.14
C GLU A 218 9.07 9.17 -2.57
N TRP A 219 8.66 8.56 -1.47
CA TRP A 219 7.47 9.05 -0.79
C TRP A 219 7.67 10.52 -0.43
N GLN A 220 8.87 10.85 0.01
CA GLN A 220 9.20 12.22 0.40
C GLN A 220 9.39 13.16 -0.79
N PHE A 221 10.15 12.72 -1.78
CA PHE A 221 10.60 13.65 -2.83
C PHE A 221 9.95 13.51 -4.20
N ASN A 222 9.00 12.59 -4.34
CA ASN A 222 8.26 12.51 -5.60
C ASN A 222 7.61 13.85 -5.92
N GLY A 223 7.72 14.28 -7.17
CA GLY A 223 7.15 15.56 -7.58
C GLY A 223 8.23 16.63 -7.61
N ILE A 224 9.36 16.36 -6.98
CA ILE A 224 10.50 17.24 -7.07
C ILE A 224 11.54 16.61 -7.99
N ASN A 225 11.70 17.16 -9.18
CA ASN A 225 12.45 16.48 -10.24
C ASN A 225 13.88 16.92 -10.54
N ASP A 226 14.33 18.01 -9.91
CA ASP A 226 15.75 18.37 -9.98
C ASP A 226 16.45 17.93 -8.70
N TRP A 227 17.65 17.38 -8.82
CA TRP A 227 18.43 17.00 -7.65
C TRP A 227 19.74 17.77 -7.52
N HIS A 228 20.29 17.82 -6.31
CA HIS A 228 21.49 18.59 -6.02
C HIS A 228 22.30 17.89 -4.94
N ARG A 229 23.55 17.55 -5.26
CA ARG A 229 24.43 16.86 -4.31
C ARG A 229 25.89 17.21 -4.59
N TYR A 230 26.80 16.34 -4.14
CA TYR A 230 28.22 16.58 -4.29
C TYR A 230 28.98 15.39 -4.85
N GLN A 231 30.06 15.69 -5.59
CA GLN A 231 31.04 14.70 -5.99
C GLN A 231 32.41 15.36 -5.87
N PRO A 232 33.47 14.55 -5.68
CA PRO A 232 34.78 15.13 -5.32
C PRO A 232 35.45 15.95 -6.41
N VAL A 233 36.50 16.65 -6.02
CA VAL A 233 37.43 17.29 -6.94
C VAL A 233 38.80 16.73 -6.61
N ALA A 234 39.83 17.18 -7.33
CA ALA A 234 41.20 16.78 -7.01
C ALA A 234 41.66 17.44 -5.71
N GLY A 235 42.96 17.63 -5.56
CA GLY A 235 43.47 18.39 -4.43
C GLY A 235 44.15 17.60 -3.33
N THR A 236 45.29 18.12 -2.89
CA THR A 236 46.10 17.49 -1.85
C THR A 236 46.27 18.41 -0.64
N THR A 237 45.66 18.02 0.48
CA THR A 237 45.68 18.84 1.69
C THR A 237 46.43 18.10 2.80
N LYS A 238 46.76 18.79 3.89
CA LYS A 238 47.53 18.21 4.98
C LYS A 238 46.64 17.39 5.92
N ASN A 239 45.34 17.61 5.82
CA ASN A 239 44.37 16.98 6.70
C ASN A 239 43.69 15.77 6.03
N GLY A 240 44.06 15.52 4.78
CA GLY A 240 43.53 14.39 4.03
C GLY A 240 42.04 14.42 3.77
N ARG A 241 41.40 15.52 4.10
CA ARG A 241 39.94 15.62 4.02
C ARG A 241 39.45 15.93 2.60
N PRO A 242 38.71 14.98 2.01
CA PRO A 242 38.23 14.95 0.62
C PRO A 242 37.53 16.24 0.27
N LYS A 243 37.95 16.87 -0.81
CA LYS A 243 37.33 18.11 -1.23
C LYS A 243 36.27 17.82 -2.30
N PHE A 244 35.11 18.44 -2.13
CA PHE A 244 33.96 18.13 -2.97
C PHE A 244 33.52 19.35 -3.78
N GLU A 245 32.76 19.10 -4.84
CA GLU A 245 32.10 20.17 -5.56
C GLU A 245 30.69 19.73 -5.92
N PRO A 246 29.79 20.71 -6.05
CA PRO A 246 28.39 20.35 -6.37
C PRO A 246 28.29 19.73 -7.76
N VAL A 247 27.24 18.93 -7.92
CA VAL A 247 26.87 18.37 -9.21
C VAL A 247 25.35 18.25 -9.13
N SER A 248 24.67 18.72 -10.17
CA SER A 248 23.21 18.71 -10.15
C SER A 248 22.66 17.95 -11.35
N GLY A 249 21.37 17.59 -11.29
CA GLY A 249 20.74 16.89 -12.38
C GLY A 249 19.23 17.00 -12.37
N GLN A 250 18.62 16.39 -13.38
CA GLN A 250 17.17 16.35 -13.47
C GLN A 250 16.76 14.91 -13.71
N LEU A 251 15.77 14.42 -12.95
CA LEU A 251 15.26 13.07 -13.15
C LEU A 251 14.80 12.83 -14.58
N THR A 252 15.19 11.70 -15.16
CA THR A 252 14.70 11.31 -16.47
C THR A 252 13.21 10.96 -16.38
N VAL A 253 12.54 10.89 -17.52
CA VAL A 253 11.15 10.47 -17.53
C VAL A 253 11.01 9.09 -16.89
N GLU A 254 11.97 8.22 -17.16
CA GLU A 254 11.97 6.88 -16.59
C GLU A 254 12.16 6.89 -15.08
N GLU A 255 13.02 7.77 -14.58
CA GLU A 255 13.22 7.87 -13.14
C GLU A 255 11.96 8.39 -12.45
N GLN A 256 11.26 9.31 -13.11
CA GLN A 256 10.04 9.88 -12.54
C GLN A 256 8.96 8.82 -12.42
N ALA A 257 8.92 7.94 -13.41
CA ALA A 257 7.95 6.85 -13.42
C ALA A 257 8.26 5.87 -12.30
N LEU A 258 9.53 5.54 -12.14
CA LEU A 258 9.95 4.63 -11.08
C LEU A 258 9.65 5.25 -9.72
N SER A 259 9.85 6.55 -9.60
CA SER A 259 9.57 7.27 -8.36
C SER A 259 8.13 7.08 -7.88
N LEU A 260 7.18 7.21 -8.79
N LEU A 260 7.18 7.19 -8.80
CA LEU A 260 5.77 7.10 -8.44
CA LEU A 260 5.78 7.10 -8.44
C LEU A 260 5.45 5.72 -7.88
C LEU A 260 5.44 5.72 -7.89
N ALA A 261 6.08 4.70 -8.45
CA ALA A 261 5.87 3.33 -8.02
C ALA A 261 6.48 3.11 -6.64
N LEU A 262 7.71 3.59 -6.47
CA LEU A 262 8.41 3.49 -5.18
C LEU A 262 7.62 4.20 -4.08
N LYS A 263 7.14 5.40 -4.39
CA LYS A 263 6.34 6.16 -3.43
C LYS A 263 5.07 5.38 -3.06
N ALA A 264 4.41 4.79 -4.06
CA ALA A 264 3.19 4.05 -3.80
C ALA A 264 3.45 2.85 -2.90
N GLN A 265 4.55 2.14 -3.16
CA GLN A 265 4.91 0.96 -2.38
C GLN A 265 5.20 1.33 -0.92
N PHE A 266 5.66 2.54 -0.67
CA PHE A 266 5.98 2.96 0.70
C PHE A 266 4.77 2.88 1.62
N SER A 267 3.59 3.21 1.10
CA SER A 267 2.39 3.20 1.92
C SER A 267 2.16 1.83 2.53
N THR A 268 2.28 0.78 1.70
CA THR A 268 2.07 -0.59 2.15
C THR A 268 3.15 -1.00 3.15
N TYR A 269 4.41 -0.65 2.86
CA TYR A 269 5.50 -0.99 3.76
C TYR A 269 5.26 -0.34 5.12
N LEU A 270 4.92 0.94 5.11
N LEU A 270 4.93 0.95 5.09
CA LEU A 270 4.75 1.66 6.35
CA LEU A 270 4.72 1.73 6.32
C LEU A 270 3.54 1.17 7.15
C LEU A 270 3.55 1.18 7.13
N ASN A 271 2.43 0.93 6.47
CA ASN A 271 1.24 0.46 7.17
C ASN A 271 1.47 -0.89 7.87
N GLN A 272 2.27 -1.75 7.27
CA GLN A 272 2.45 -3.09 7.79
C GLN A 272 3.42 -3.15 8.98
N LEU A 273 4.08 -2.04 9.25
CA LEU A 273 4.91 -1.91 10.44
C LEU A 273 4.06 -1.82 11.70
N LYS A 274 2.79 -1.45 11.53
CA LYS A 274 1.86 -1.30 12.65
C LYS A 274 2.35 -0.32 13.71
N LEU A 275 2.93 0.80 13.27
CA LEU A 275 3.37 1.85 14.18
C LEU A 275 2.17 2.50 14.86
N THR A 276 2.33 2.87 16.13
CA THR A 276 1.27 3.58 16.83
C THR A 276 1.73 4.90 17.40
N ALA A 277 0.81 5.84 17.55
CA ALA A 277 1.11 7.10 18.23
C ALA A 277 1.00 6.85 19.73
N SER A 278 1.12 7.92 20.51
CA SER A 278 1.04 7.82 21.97
C SER A 278 -0.30 7.29 22.48
N ASP A 279 -1.39 7.85 21.95
CA ASP A 279 -2.72 7.44 22.38
C ASP A 279 -3.08 6.04 21.84
N GLY A 280 -2.24 5.51 20.97
CA GLY A 280 -2.35 4.11 20.58
C GLY A 280 -2.92 3.88 19.20
N THR A 281 -3.24 4.98 18.51
CA THR A 281 -3.79 4.90 17.16
C THR A 281 -2.75 4.50 16.13
N HIS A 282 -3.15 3.64 15.20
CA HIS A 282 -2.27 3.17 14.14
C HIS A 282 -1.85 4.36 13.27
N LEU A 283 -0.55 4.44 12.97
CA LEU A 283 -0.03 5.50 12.11
C LEU A 283 0.04 4.98 10.68
N THR A 284 -0.75 5.56 9.78
CA THR A 284 -0.94 4.99 8.45
C THR A 284 -0.79 6.00 7.32
N LEU A 285 -0.77 5.48 6.09
CA LEU A 285 -0.81 6.28 4.88
C LEU A 285 -1.81 5.66 3.93
N ASN A 286 -2.54 6.50 3.20
CA ASN A 286 -3.43 5.98 2.16
C ASN A 286 -2.70 5.72 0.83
N GLU A 287 -3.46 5.43 -0.23
CA GLU A 287 -2.86 5.09 -1.53
C GLU A 287 -2.00 6.20 -2.09
N ALA A 288 -2.36 7.44 -1.76
CA ALA A 288 -1.70 8.62 -2.29
C ALA A 288 -0.59 9.09 -1.38
N GLY A 289 -0.36 8.34 -0.31
CA GLY A 289 0.70 8.65 0.63
C GLY A 289 0.37 9.72 1.66
N MET A 290 -0.91 9.99 1.87
CA MET A 290 -1.33 10.96 2.88
C MET A 290 -1.89 10.24 4.09
N GLY A 291 -1.84 10.86 5.26
CA GLY A 291 -2.48 10.28 6.42
C GLY A 291 -1.77 10.62 7.72
N SER A 292 -2.12 9.88 8.78
CA SER A 292 -1.62 10.16 10.11
C SER A 292 -0.10 10.06 10.24
N PHE A 293 0.55 9.15 9.49
CA PHE A 293 1.99 9.09 9.58
C PHE A 293 2.62 10.34 8.97
N ARG A 294 2.08 10.78 7.85
CA ARG A 294 2.58 11.99 7.21
C ARG A 294 2.41 13.19 8.15
N ASP A 295 1.31 13.22 8.90
CA ASP A 295 1.05 14.31 9.82
C ASP A 295 2.06 14.30 10.98
N VAL A 296 2.58 13.12 11.33
CA VAL A 296 3.63 13.02 12.34
C VAL A 296 4.91 13.65 11.84
N VAL A 297 5.24 13.38 10.57
CA VAL A 297 6.42 13.97 9.96
C VAL A 297 6.31 15.49 9.95
N ARG A 298 5.16 16.00 9.52
CA ARG A 298 4.91 17.44 9.53
C ARG A 298 5.04 18.01 10.95
N GLN A 299 4.46 17.32 11.93
CA GLN A 299 4.46 17.83 13.30
C GLN A 299 5.86 17.97 13.87
N LEU A 300 6.74 17.02 13.55
CA LEU A 300 8.12 17.06 14.01
C LEU A 300 8.85 18.26 13.41
N LEU A 301 8.52 18.61 12.16
CA LEU A 301 9.17 19.75 11.52
C LEU A 301 8.62 21.07 12.07
N ILE A 302 7.36 21.05 12.47
CA ILE A 302 6.77 22.21 13.13
C ILE A 302 7.41 22.44 14.50
N SER A 303 7.59 21.35 15.24
CA SER A 303 8.30 21.42 16.52
CA SER A 303 8.30 21.39 16.52
C SER A 303 9.71 21.94 16.35
N SER A 304 10.38 21.49 15.28
CA SER A 304 11.73 21.93 14.99
C SER A 304 11.74 23.44 14.77
N ALA A 305 10.81 23.89 13.93
CA ALA A 305 10.68 25.31 13.61
C ALA A 305 10.32 26.16 14.82
N GLN A 306 9.41 25.68 15.66
CA GLN A 306 9.04 26.43 16.86
C GLN A 306 10.23 26.67 17.77
N THR A 307 11.08 25.66 17.92
CA THR A 307 12.26 25.76 18.77
C THR A 307 13.19 26.84 18.24
N ALA A 308 13.40 26.84 16.93
CA ALA A 308 14.24 27.84 16.29
C ALA A 308 13.58 29.23 16.34
N PHE A 309 12.27 29.27 16.12
CA PHE A 309 11.56 30.55 16.13
C PHE A 309 11.73 31.23 17.49
N ASP A 310 11.62 30.43 18.55
CA ASP A 310 11.73 30.97 19.90
C ASP A 310 13.13 31.51 20.18
N GLN A 311 14.10 31.08 19.37
CA GLN A 311 15.48 31.55 19.47
C GLN A 311 15.74 32.81 18.64
N GLY A 312 14.72 33.28 17.92
CA GLY A 312 14.89 34.43 17.05
C GLY A 312 15.45 34.06 15.69
N THR A 313 15.48 32.76 15.38
CA THR A 313 15.88 32.31 14.05
C THR A 313 14.77 32.61 13.04
N ASP A 314 15.14 33.06 11.84
CA ASP A 314 14.18 33.32 10.77
C ASP A 314 13.85 32.00 10.08
N ILE A 315 12.72 31.40 10.42
CA ILE A 315 12.37 30.09 9.87
C ILE A 315 11.92 30.17 8.41
N HIS A 316 11.67 31.38 7.94
CA HIS A 316 11.23 31.55 6.56
C HIS A 316 12.39 31.50 5.57
N LYS A 317 13.57 31.09 6.06
CA LYS A 317 14.65 30.65 5.18
C LYS A 317 14.11 29.59 4.21
N TYR A 318 13.28 28.70 4.74
CA TYR A 318 12.61 27.70 3.92
C TYR A 318 11.13 28.04 3.75
N ALA A 319 10.50 27.48 2.73
CA ALA A 319 9.10 27.76 2.41
C ALA A 319 8.14 26.89 3.20
N GLY A 320 6.88 27.32 3.31
CA GLY A 320 5.83 26.47 3.83
C GLY A 320 5.35 26.67 5.25
N PHE A 321 6.13 27.35 6.09
CA PHE A 321 5.73 27.53 7.49
C PHE A 321 4.70 28.62 7.69
N VAL A 322 3.65 28.30 8.43
CA VAL A 322 2.63 29.28 8.78
C VAL A 322 2.86 29.72 10.23
N VAL A 323 3.05 31.02 10.42
CA VAL A 323 3.26 31.56 11.76
C VAL A 323 2.07 32.44 12.12
N THR A 324 1.40 32.11 13.21
CA THR A 324 0.28 32.92 13.69
C THR A 324 0.69 33.48 15.03
N GLY A 325 0.78 34.81 15.12
CA GLY A 325 1.34 35.43 16.32
C GLY A 325 2.77 34.97 16.52
N ASN A 326 3.00 34.26 17.62
CA ASN A 326 4.31 33.77 17.98
C ASN A 326 4.38 32.27 17.88
N GLN A 327 3.39 31.67 17.22
CA GLN A 327 3.30 30.21 17.11
C GLN A 327 3.40 29.71 15.67
N VAL A 328 4.24 28.72 15.44
CA VAL A 328 4.25 28.05 14.15
C VAL A 328 3.05 27.14 14.17
N THR A 329 1.98 27.53 13.48
CA THR A 329 0.71 26.82 13.58
C THR A 329 0.50 25.74 12.51
N ASP A 330 1.26 25.80 11.42
CA ASP A 330 1.09 24.81 10.36
C ASP A 330 2.30 24.77 9.46
N LEU A 331 2.29 23.82 8.51
CA LEU A 331 3.38 23.66 7.59
C LEU A 331 2.86 23.04 6.31
N ASP A 332 3.16 23.68 5.18
CA ASP A 332 2.94 23.07 3.87
C ASP A 332 4.15 22.21 3.60
N LEU A 333 4.03 20.92 3.89
CA LEU A 333 5.17 20.02 3.82
C LEU A 333 5.74 19.92 2.40
N SER A 334 4.86 19.92 1.39
CA SER A 334 5.31 19.85 0.00
C SER A 334 6.20 21.03 -0.37
N ALA A 335 5.78 22.23 0.03
CA ALA A 335 6.54 23.45 -0.22
C ALA A 335 7.87 23.48 0.53
N TYR A 336 7.87 23.00 1.78
CA TYR A 336 9.12 22.91 2.52
C TYR A 336 10.12 22.01 1.81
N LEU A 337 9.65 20.83 1.39
CA LEU A 337 10.57 19.86 0.77
C LEU A 337 11.09 20.39 -0.56
N LYS A 338 10.26 21.13 -1.29
CA LYS A 338 10.71 21.75 -2.53
C LYS A 338 11.78 22.80 -2.27
N SER A 339 11.64 23.57 -1.20
N SER A 339 11.61 23.55 -1.18
CA SER A 339 12.65 24.57 -0.88
CA SER A 339 12.55 24.57 -0.76
C SER A 339 13.93 23.94 -0.33
C SER A 339 13.88 23.94 -0.34
N LEU A 340 13.79 22.83 0.39
CA LEU A 340 14.94 22.11 0.92
C LEU A 340 15.78 21.49 -0.22
N THR A 341 15.09 21.08 -1.28
CA THR A 341 15.64 20.37 -2.46
C THR A 341 15.91 18.87 -2.28
N ARG A 342 15.70 18.13 -3.37
CA ARG A 342 16.05 16.72 -3.43
C ARG A 342 17.57 16.57 -3.63
N MET A 343 18.19 15.62 -2.94
CA MET A 343 19.63 15.38 -3.08
C MET A 343 19.95 14.23 -4.04
N LYS A 344 19.31 13.11 -3.82
CA LYS A 344 19.62 11.87 -4.54
C LYS A 344 18.64 11.57 -5.64
N ALA A 345 19.10 10.84 -6.65
CA ALA A 345 18.26 10.43 -7.79
C ALA A 345 17.46 9.17 -7.46
N VAL A 346 17.03 8.44 -8.49
CA VAL A 346 16.10 7.32 -8.32
C VAL A 346 16.58 6.04 -9.00
N PRO A 347 16.75 4.95 -8.23
CA PRO A 347 16.58 4.83 -6.78
C PRO A 347 17.71 5.56 -6.06
N ALA A 348 17.47 6.03 -4.85
CA ALA A 348 18.46 6.81 -4.12
C ALA A 348 19.57 5.95 -3.51
N PHE A 349 19.24 4.69 -3.19
CA PHE A 349 20.16 3.82 -2.47
C PHE A 349 20.59 2.58 -3.25
N ASP A 350 19.62 1.82 -3.73
CA ASP A 350 19.94 0.64 -4.53
C ASP A 350 19.98 1.04 -6.01
N GLN A 351 21.11 1.58 -6.46
CA GLN A 351 21.19 2.08 -7.83
C GLN A 351 21.20 0.93 -8.82
N LEU A 352 20.55 1.13 -9.96
CA LEU A 352 20.36 0.04 -10.90
C LEU A 352 21.69 -0.40 -11.54
N ASP A 353 22.70 0.46 -11.47
CA ASP A 353 23.98 0.14 -12.09
C ASP A 353 25.02 -0.25 -11.05
N LEU A 354 24.55 -0.48 -9.82
CA LEU A 354 25.37 -0.95 -8.70
C LEU A 354 26.42 0.06 -8.22
N THR A 355 26.17 1.35 -8.46
CA THR A 355 27.19 2.38 -8.20
C THR A 355 27.16 3.08 -6.83
N SER A 356 26.20 2.74 -5.98
CA SER A 356 26.06 3.44 -4.70
C SER A 356 26.97 2.85 -3.62
N PRO A 357 27.23 3.63 -2.56
CA PRO A 357 27.99 3.10 -1.44
C PRO A 357 27.31 1.88 -0.82
N GLU A 358 25.98 1.86 -0.81
CA GLU A 358 25.25 0.72 -0.24
C GLU A 358 25.35 -0.53 -1.12
N ASN A 359 25.37 -0.35 -2.44
CA ASN A 359 25.61 -1.47 -3.35
C ASN A 359 26.96 -2.13 -3.05
N ASN A 360 27.99 -1.30 -2.85
CA ASN A 360 29.34 -1.77 -2.54
C ASN A 360 29.41 -2.40 -1.16
N LEU A 361 28.68 -1.82 -0.19
CA LEU A 361 28.59 -2.40 1.15
C LEU A 361 28.11 -3.84 1.09
N PHE A 362 27.15 -4.08 0.20
CA PHE A 362 26.54 -5.40 0.09
C PHE A 362 27.27 -6.35 -0.87
N GLY A 363 28.37 -5.90 -1.47
CA GLY A 363 29.21 -6.83 -2.21
C GLY A 363 29.91 -7.81 -1.28
N ASP A 364 30.67 -8.76 -1.84
CA ASP A 364 31.51 -9.65 -1.04
C ASP A 364 32.83 -9.95 -1.74
N ALA A 365 33.51 -11.01 -1.33
CA ALA A 365 34.80 -11.35 -1.91
C ALA A 365 34.72 -11.69 -3.41
N THR A 366 33.52 -12.07 -3.86
CA THR A 366 33.32 -12.43 -5.26
C THR A 366 32.85 -11.22 -6.09
N ALA A 367 31.85 -10.51 -5.57
CA ALA A 367 31.23 -9.42 -6.33
C ALA A 367 31.44 -8.08 -5.62
N LYS A 368 31.94 -7.09 -6.36
CA LYS A 368 32.22 -5.78 -5.79
C LYS A 368 30.96 -5.11 -5.22
N ALA A 369 29.82 -5.36 -5.85
CA ALA A 369 28.57 -4.75 -5.40
C ALA A 369 27.39 -5.68 -5.67
N LYS A 370 26.31 -5.49 -4.91
CA LYS A 370 25.07 -6.26 -5.07
C LYS A 370 23.85 -5.38 -4.90
N HIS A 371 22.70 -5.86 -5.40
CA HIS A 371 21.43 -5.24 -5.08
C HIS A 371 20.93 -5.72 -3.73
N PHE A 372 19.98 -4.99 -3.15
CA PHE A 372 19.43 -5.37 -1.85
C PHE A 372 17.93 -5.11 -1.76
N THR A 373 17.33 -4.91 -2.93
CA THR A 373 15.88 -4.78 -3.06
C THR A 373 15.44 -5.56 -4.29
N ALA A 374 14.22 -6.08 -4.26
CA ALA A 374 13.67 -6.79 -5.40
C ALA A 374 13.56 -5.88 -6.63
N LEU A 375 13.19 -4.62 -6.40
CA LEU A 375 12.92 -3.70 -7.50
C LEU A 375 14.18 -3.44 -8.33
N ALA A 376 15.28 -3.13 -7.64
CA ALA A 376 16.52 -2.85 -8.35
C ALA A 376 17.11 -4.09 -9.00
N GLN A 377 16.91 -5.26 -8.41
CA GLN A 377 17.41 -6.48 -9.02
C GLN A 377 16.64 -6.72 -10.32
N THR A 378 15.31 -6.55 -10.26
CA THR A 378 14.47 -6.72 -11.45
C THR A 378 14.82 -5.71 -12.55
N ARG A 379 15.11 -4.47 -12.15
CA ARG A 379 15.38 -3.40 -13.11
C ARG A 379 16.86 -3.09 -13.32
N SER A 380 17.71 -4.01 -12.89
CA SER A 380 19.16 -3.82 -12.96
C SER A 380 19.61 -3.51 -14.39
N THR A 381 20.52 -2.55 -14.51
CA THR A 381 21.09 -2.19 -15.81
C THR A 381 22.45 -2.86 -16.03
N VAL A 382 22.91 -3.60 -15.04
CA VAL A 382 24.15 -4.37 -15.13
C VAL A 382 23.90 -5.75 -14.56
N THR A 383 24.70 -6.74 -14.96
CA THR A 383 24.58 -8.07 -14.37
C THR A 383 24.81 -7.97 -12.86
N ALA A 384 23.97 -8.65 -12.09
CA ALA A 384 23.97 -8.44 -10.63
C ALA A 384 23.29 -9.58 -9.88
N GLN A 385 23.64 -9.72 -8.61
CA GLN A 385 22.93 -10.62 -7.70
C GLN A 385 22.35 -9.84 -6.51
N LEU A 386 21.31 -10.42 -5.88
CA LEU A 386 20.79 -9.89 -4.63
C LEU A 386 21.63 -10.38 -3.46
N ALA A 387 21.89 -9.49 -2.50
CA ALA A 387 22.57 -9.88 -1.28
C ALA A 387 21.65 -10.83 -0.49
N ASP A 388 22.29 -11.66 0.33
CA ASP A 388 21.62 -12.63 1.18
C ASP A 388 20.55 -11.96 2.05
N ALA A 389 19.35 -12.52 2.10
CA ALA A 389 18.25 -11.90 2.84
C ALA A 389 18.53 -11.79 4.34
N GLU A 390 19.18 -12.81 4.90
CA GLU A 390 19.53 -12.77 6.32
C GLU A 390 20.54 -11.68 6.65
N LEU A 391 21.46 -11.41 5.72
CA LEU A 391 22.46 -10.36 5.94
C LEU A 391 21.83 -8.98 5.89
N ILE A 392 20.95 -8.74 4.92
CA ILE A 392 20.20 -7.48 4.87
C ILE A 392 19.42 -7.26 6.17
N GLN A 393 18.72 -8.30 6.61
CA GLN A 393 17.99 -8.26 7.88
C GLN A 393 18.93 -8.00 9.06
N ALA A 394 20.07 -8.69 9.07
CA ALA A 394 20.98 -8.63 10.21
C ALA A 394 21.58 -7.25 10.49
N ILE A 395 21.80 -6.45 9.45
CA ILE A 395 22.40 -5.15 9.66
C ILE A 395 21.40 -4.00 9.76
N ASN A 396 20.12 -4.33 9.81
CA ASN A 396 19.06 -3.34 10.01
C ASN A 396 18.63 -3.31 11.47
N PRO A 397 18.86 -2.16 12.16
CA PRO A 397 18.47 -2.09 13.57
C PRO A 397 16.99 -2.45 13.83
N LEU A 398 16.10 -2.11 12.90
CA LEU A 398 14.68 -2.40 13.07
C LEU A 398 14.38 -3.90 13.25
N SER A 399 15.20 -4.77 12.68
CA SER A 399 14.93 -6.20 12.75
C SER A 399 14.86 -6.74 14.18
N TYR A 400 15.49 -6.04 15.11
CA TYR A 400 15.64 -6.50 16.47
C TYR A 400 14.57 -5.90 17.40
N LEU A 401 13.83 -4.93 16.88
CA LEU A 401 12.94 -4.10 17.70
C LEU A 401 11.47 -4.45 17.56
N THR A 402 11.17 -5.66 17.11
CA THR A 402 9.78 -6.10 17.05
C THR A 402 9.27 -6.34 18.46
N THR A 403 10.17 -6.22 19.44
CA THR A 403 9.91 -6.67 20.81
C THR A 403 10.48 -5.75 21.90
N THR A 404 10.19 -6.09 23.16
CA THR A 404 10.77 -5.41 24.32
C THR A 404 11.81 -6.31 24.97
N SER A 405 13.04 -6.24 24.46
CA SER A 405 14.08 -7.24 24.73
C SER A 405 15.13 -6.79 25.74
N SER A 406 15.68 -7.75 26.49
CA SER A 406 16.75 -7.48 27.45
C SER A 406 18.09 -7.17 26.77
N GLN A 407 18.20 -7.51 25.49
CA GLN A 407 19.45 -7.37 24.75
C GLN A 407 19.56 -6.06 23.97
N VAL A 408 18.44 -5.35 23.87
CA VAL A 408 18.40 -4.04 23.24
C VAL A 408 18.70 -3.03 24.34
N ALA A 409 19.55 -2.06 24.03
CA ALA A 409 19.85 -0.96 24.96
C ALA A 409 18.54 -0.27 25.34
N LYS A 410 18.45 0.17 26.59
CA LYS A 410 17.19 0.73 27.08
C LYS A 410 17.05 2.21 26.78
N HIS A 411 18.15 2.83 26.34
CA HIS A 411 18.21 4.29 26.26
C HIS A 411 18.76 4.76 24.92
N TRP A 412 17.95 5.54 24.20
CA TRP A 412 18.29 5.98 22.86
C TRP A 412 18.13 7.48 22.71
N ARG A 413 19.08 8.12 22.02
CA ARG A 413 18.95 9.52 21.63
C ARG A 413 19.32 9.63 20.16
N ILE A 414 18.35 9.98 19.34
CA ILE A 414 18.54 10.05 17.90
C ILE A 414 18.25 11.47 17.42
N ARG A 415 19.13 11.98 16.57
CA ARG A 415 18.88 13.25 15.89
C ARG A 415 19.06 13.10 14.39
N HIS A 416 18.22 13.77 13.61
CA HIS A 416 18.40 13.87 12.17
C HIS A 416 18.06 15.31 11.79
N GLY A 417 19.00 16.01 11.17
CA GLY A 417 18.83 17.44 10.91
C GLY A 417 17.66 17.74 10.00
N ALA A 418 16.98 18.86 10.27
CA ALA A 418 15.82 19.22 9.46
C ALA A 418 16.19 19.61 8.03
N ALA A 419 17.49 19.85 7.79
CA ALA A 419 17.96 20.18 6.45
C ALA A 419 18.78 19.04 5.86
N ASP A 420 18.72 17.87 6.48
CA ASP A 420 19.44 16.68 6.02
C ASP A 420 18.57 15.89 5.05
N ARG A 421 18.98 15.85 3.79
CA ARG A 421 18.24 15.16 2.75
C ARG A 421 18.92 13.87 2.28
N ASP A 422 19.87 13.38 3.07
CA ASP A 422 20.60 12.16 2.69
C ASP A 422 19.72 10.90 2.76
N THR A 423 18.70 10.94 3.61
CA THR A 423 17.68 9.91 3.61
C THR A 423 16.38 10.61 4.01
N SER A 424 15.24 9.99 3.73
CA SER A 424 13.95 10.58 4.10
C SER A 424 13.79 10.75 5.61
N PHE A 425 13.08 11.78 6.04
CA PHE A 425 12.79 11.94 7.46
C PHE A 425 12.04 10.74 8.02
N ALA A 426 11.32 10.03 7.14
CA ALA A 426 10.55 8.86 7.56
C ALA A 426 11.46 7.80 8.19
N ILE A 427 12.69 7.72 7.70
CA ILE A 427 13.62 6.68 8.14
C ILE A 427 13.99 6.79 9.64
N PRO A 428 14.55 7.93 10.09
CA PRO A 428 14.78 8.03 11.54
C PRO A 428 13.48 8.06 12.35
N ILE A 429 12.41 8.61 11.79
CA ILE A 429 11.14 8.64 12.51
C ILE A 429 10.59 7.23 12.78
N ILE A 430 10.69 6.34 11.79
CA ILE A 430 10.25 4.95 11.97
C ILE A 430 11.05 4.29 13.10
N LEU A 431 12.37 4.48 13.10
CA LEU A 431 13.21 3.94 14.18
C LEU A 431 12.74 4.46 15.53
N ALA A 432 12.57 5.77 15.62
CA ALA A 432 12.18 6.41 16.87
C ALA A 432 10.81 5.93 17.39
N ILE A 433 9.82 5.81 16.50
CA ILE A 433 8.50 5.36 16.93
C ILE A 433 8.52 3.89 17.33
N MET A 434 9.24 3.06 16.58
CA MET A 434 9.30 1.64 16.91
C MET A 434 9.93 1.45 18.29
N LEU A 435 10.99 2.21 18.56
CA LEU A 435 11.62 2.19 19.89
C LEU A 435 10.62 2.53 20.99
N GLU A 436 9.88 3.62 20.83
CA GLU A 436 8.89 4.01 21.81
C GLU A 436 7.81 2.95 21.96
N ASN A 437 7.35 2.40 20.83
CA ASN A 437 6.26 1.44 20.81
C ASN A 437 6.59 0.20 21.62
N HIS A 438 7.87 -0.10 21.69
CA HIS A 438 8.35 -1.29 22.40
C HIS A 438 8.95 -0.99 23.77
N GLY A 439 8.66 0.21 24.29
CA GLY A 439 8.96 0.56 25.67
C GLY A 439 10.41 0.93 25.94
N TYR A 440 11.15 1.27 24.91
CA TYR A 440 12.52 1.73 25.12
C TYR A 440 12.52 3.24 25.32
N GLY A 441 13.52 3.76 26.03
CA GLY A 441 13.62 5.20 26.19
C GLY A 441 14.15 5.84 24.93
N ILE A 442 13.42 6.78 24.37
CA ILE A 442 13.87 7.43 23.14
C ILE A 442 13.71 8.95 23.17
N ASP A 443 14.82 9.64 22.94
CA ASP A 443 14.85 11.10 22.90
C ASP A 443 15.15 11.47 21.45
N PHE A 444 14.16 12.05 20.77
CA PHE A 444 14.22 12.25 19.31
C PHE A 444 13.85 13.67 18.89
N ALA A 445 14.51 14.18 17.86
CA ALA A 445 14.20 15.49 17.30
C ALA A 445 14.83 15.66 15.92
N LEU A 446 14.26 16.57 15.14
CA LEU A 446 14.85 16.98 13.87
C LEU A 446 15.35 18.41 13.98
N PRO A 447 16.61 18.60 14.44
CA PRO A 447 17.06 19.95 14.77
C PRO A 447 17.03 20.93 13.59
N TRP A 448 16.50 22.13 13.82
CA TRP A 448 16.30 23.13 12.77
C TRP A 448 17.56 23.47 11.96
N ASP A 449 17.40 23.45 10.64
CA ASP A 449 18.43 23.87 9.67
C ASP A 449 19.77 23.19 9.89
N ILE A 450 19.74 21.97 10.42
CA ILE A 450 20.98 21.21 10.56
C ILE A 450 21.14 20.30 9.34
N PRO A 451 22.31 20.37 8.69
CA PRO A 451 22.55 19.54 7.51
C PRO A 451 23.02 18.14 7.88
N HIS A 452 23.48 17.39 6.89
CA HIS A 452 24.00 16.05 7.12
C HIS A 452 25.29 16.19 7.92
N SER A 453 25.23 15.81 9.20
CA SER A 453 26.30 16.09 10.15
C SER A 453 25.97 15.43 11.49
N GLY A 454 26.90 15.51 12.44
CA GLY A 454 26.67 14.98 13.77
C GLY A 454 27.45 15.75 14.83
N ASP A 455 27.23 15.39 16.09
CA ASP A 455 28.02 15.92 17.20
C ASP A 455 27.95 17.45 17.33
N TYR A 456 26.84 18.03 16.91
CA TYR A 456 26.69 19.49 16.89
C TYR A 456 25.94 20.02 18.12
N ASP A 457 25.50 19.11 18.98
CA ASP A 457 24.73 19.48 20.16
C ASP A 457 25.29 18.81 21.41
N LEU A 458 26.60 18.85 21.57
CA LEU A 458 27.26 18.06 22.62
C LEU A 458 26.76 18.41 24.03
N GLY A 459 26.46 19.68 24.28
CA GLY A 459 25.91 20.08 25.56
C GLY A 459 24.68 19.27 25.90
N ASP A 460 23.77 19.15 24.95
CA ASP A 460 22.55 18.41 25.18
C ASP A 460 22.77 16.89 25.21
N LEU A 461 23.66 16.39 24.35
CA LEU A 461 23.99 14.96 24.36
C LEU A 461 24.56 14.56 25.73
N PHE A 462 25.51 15.35 26.21
CA PHE A 462 26.18 15.04 27.47
C PHE A 462 25.25 15.20 28.67
N SER A 463 24.35 16.17 28.60
CA SER A 463 23.34 16.31 29.64
C SER A 463 22.43 15.10 29.72
N TRP A 464 22.10 14.55 28.55
CA TRP A 464 21.29 13.35 28.47
C TRP A 464 22.05 12.15 29.07
N ILE A 465 23.30 11.99 28.68
CA ILE A 465 24.13 10.91 29.22
C ILE A 465 24.24 11.05 30.74
N ASP A 466 24.50 12.27 31.20
CA ASP A 466 24.64 12.52 32.65
C ASP A 466 23.34 12.24 33.40
N GLY A 467 22.21 12.51 32.76
CA GLY A 467 20.92 12.20 33.33
C GLY A 467 20.75 10.71 33.55
N LEU A 468 21.33 9.91 32.66
CA LEU A 468 21.25 8.45 32.75
C LEU A 468 22.22 7.88 33.79
N CYS A 469 23.40 8.48 33.89
CA CYS A 469 24.54 7.85 34.57
C CYS A 469 24.91 8.35 35.96
N GLN A 470 24.65 9.62 36.26
CA GLN A 470 25.07 10.17 37.54
C GLN A 470 24.27 9.61 38.71
N SER B 1 -48.10 12.35 -14.82
CA SER B 1 -48.64 13.40 -13.94
C SER B 1 -49.23 12.80 -12.68
N MET B 2 -49.74 13.66 -11.79
CA MET B 2 -50.45 13.21 -10.58
C MET B 2 -51.67 12.34 -10.86
N SER B 3 -52.21 12.41 -12.07
CA SER B 3 -53.33 11.57 -12.45
C SER B 3 -52.94 10.10 -12.54
N ASN B 4 -51.66 9.85 -12.78
CA ASN B 4 -51.14 8.49 -12.74
C ASN B 4 -51.02 8.06 -11.28
N ARG B 5 -51.97 7.23 -10.84
CA ARG B 5 -52.03 6.85 -9.43
C ARG B 5 -51.06 5.75 -9.03
N LEU B 6 -50.35 5.22 -10.03
CA LEU B 6 -49.39 4.13 -9.82
C LEU B 6 -50.05 2.91 -9.18
N ILE B 7 -51.30 2.66 -9.56
CA ILE B 7 -52.05 1.53 -9.02
C ILE B 7 -52.18 0.44 -10.09
N PHE B 8 -51.57 -0.71 -9.82
CA PHE B 8 -51.70 -1.85 -10.72
C PHE B 8 -53.10 -2.47 -10.67
N ASP B 9 -53.63 -2.86 -11.83
CA ASP B 9 -54.90 -3.57 -11.90
C ASP B 9 -54.67 -4.91 -12.56
N ALA B 10 -54.98 -6.01 -11.86
CA ALA B 10 -54.75 -7.35 -12.38
C ALA B 10 -55.64 -7.63 -13.58
N ASP B 11 -56.68 -6.84 -13.75
CA ASP B 11 -57.55 -7.00 -14.91
C ASP B 11 -56.85 -6.57 -16.20
N TRP B 12 -55.70 -5.93 -16.09
CA TRP B 12 -54.91 -5.58 -17.26
C TRP B 12 -54.21 -6.78 -17.87
N LEU B 13 -54.12 -7.87 -17.10
CA LEU B 13 -53.32 -9.03 -17.54
C LEU B 13 -54.02 -9.76 -18.67
N VAL B 14 -53.31 -9.95 -19.79
CA VAL B 14 -53.88 -10.66 -20.93
C VAL B 14 -53.05 -11.91 -21.27
N PRO B 15 -53.73 -12.99 -21.68
CA PRO B 15 -53.05 -14.27 -21.92
C PRO B 15 -52.18 -14.29 -23.16
N GLU B 16 -51.00 -14.90 -23.04
CA GLU B 16 -50.09 -15.05 -24.16
C GLU B 16 -49.34 -16.36 -23.99
N GLN B 17 -48.65 -16.78 -25.05
CA GLN B 17 -47.74 -17.90 -24.91
C GLN B 17 -46.54 -17.77 -25.84
N VAL B 18 -45.46 -18.46 -25.51
CA VAL B 18 -44.30 -18.51 -26.38
C VAL B 18 -44.05 -19.97 -26.69
N GLN B 19 -43.76 -20.25 -27.97
CA GLN B 19 -43.31 -21.58 -28.38
C GLN B 19 -41.85 -21.46 -28.77
N VAL B 20 -40.98 -22.00 -27.94
CA VAL B 20 -39.54 -21.84 -28.13
C VAL B 20 -38.84 -23.13 -27.71
N ALA B 21 -37.91 -23.58 -28.54
CA ALA B 21 -37.09 -24.77 -28.24
C ALA B 21 -37.91 -25.96 -27.77
N GLY B 22 -38.99 -26.25 -28.48
CA GLY B 22 -39.80 -27.41 -28.17
C GLY B 22 -40.68 -27.27 -26.94
N GLN B 23 -40.76 -26.06 -26.39
CA GLN B 23 -41.57 -25.80 -25.21
C GLN B 23 -42.75 -24.89 -25.52
N ALA B 24 -43.78 -24.96 -24.69
CA ALA B 24 -44.94 -24.08 -24.81
C ALA B 24 -45.21 -23.44 -23.44
N ILE B 25 -44.86 -22.17 -23.30
CA ILE B 25 -44.95 -21.53 -21.99
C ILE B 25 -46.09 -20.52 -21.94
N GLN B 26 -47.01 -20.72 -20.99
CA GLN B 26 -48.21 -19.88 -20.89
C GLN B 26 -48.09 -18.86 -19.77
N TYR B 27 -48.45 -17.61 -20.07
CA TYR B 27 -48.32 -16.55 -19.09
C TYR B 27 -49.35 -15.46 -19.38
N TYR B 28 -49.44 -14.48 -18.49
CA TYR B 28 -50.23 -13.27 -18.75
C TYR B 28 -49.31 -12.05 -18.71
N ALA B 29 -49.65 -11.02 -19.50
CA ALA B 29 -48.79 -9.85 -19.65
C ALA B 29 -49.57 -8.55 -19.43
N ALA B 30 -48.90 -7.58 -18.81
CA ALA B 30 -49.38 -6.19 -18.76
C ALA B 30 -48.16 -5.34 -19.06
N ARG B 31 -48.22 -4.52 -20.11
CA ARG B 31 -47.03 -3.81 -20.59
C ARG B 31 -47.14 -2.29 -20.49
N ASN B 32 -45.98 -1.66 -20.61
CA ASN B 32 -45.86 -0.20 -20.74
C ASN B 32 -46.49 0.57 -19.59
N ILE B 33 -46.28 0.06 -18.39
CA ILE B 33 -46.75 0.71 -17.18
C ILE B 33 -45.80 1.83 -16.74
N GLN B 34 -46.30 3.07 -16.72
CA GLN B 34 -45.52 4.21 -16.25
C GLN B 34 -45.37 4.09 -14.74
N TYR B 35 -44.15 3.81 -14.29
CA TYR B 35 -43.96 3.50 -12.87
C TYR B 35 -43.63 4.70 -11.97
N VAL B 36 -43.46 5.87 -12.56
CA VAL B 36 -43.37 7.11 -11.77
C VAL B 36 -44.37 8.14 -12.30
N GLN B 37 -44.67 9.15 -11.49
CA GLN B 37 -45.65 10.17 -11.88
C GLN B 37 -45.07 11.27 -12.75
N HIS B 38 -43.76 11.49 -12.64
CA HIS B 38 -43.09 12.52 -13.43
C HIS B 38 -41.89 11.98 -14.20
N PRO B 39 -42.15 11.09 -15.18
CA PRO B 39 -41.01 10.51 -15.91
C PRO B 39 -40.33 11.57 -16.78
N VAL B 40 -39.05 11.39 -17.03
CA VAL B 40 -38.31 12.33 -17.87
C VAL B 40 -37.89 11.67 -19.18
N ALA B 41 -38.17 10.37 -19.29
CA ALA B 41 -37.80 9.62 -20.49
C ALA B 41 -38.77 8.49 -20.77
N ALA B 42 -38.99 8.25 -22.06
CA ALA B 42 -39.93 7.23 -22.51
C ALA B 42 -39.56 5.83 -22.03
N ILE B 43 -38.28 5.60 -21.77
CA ILE B 43 -37.83 4.27 -21.37
C ILE B 43 -38.32 3.85 -19.98
N GLN B 44 -38.77 4.83 -19.19
CA GLN B 44 -39.20 4.59 -17.80
C GLN B 44 -40.59 3.95 -17.70
N VAL B 45 -40.72 2.76 -18.30
CA VAL B 45 -41.94 1.96 -18.15
C VAL B 45 -41.55 0.56 -17.74
N LEU B 46 -42.50 -0.20 -17.22
CA LEU B 46 -42.19 -1.58 -16.86
C LEU B 46 -43.23 -2.55 -17.42
N ASN B 47 -42.83 -3.81 -17.57
CA ASN B 47 -43.75 -4.83 -18.02
C ASN B 47 -43.93 -5.87 -16.92
N VAL B 48 -45.13 -6.42 -16.80
CA VAL B 48 -45.40 -7.44 -15.79
C VAL B 48 -45.81 -8.73 -16.48
N PHE B 49 -45.17 -9.85 -16.10
CA PHE B 49 -45.51 -11.14 -16.68
C PHE B 49 -45.78 -12.16 -15.58
N VAL B 50 -46.89 -12.89 -15.69
CA VAL B 50 -47.37 -13.76 -14.62
C VAL B 50 -47.65 -15.17 -15.17
N PRO B 51 -47.13 -16.22 -14.49
CA PRO B 51 -47.49 -17.58 -14.92
C PRO B 51 -49.01 -17.78 -14.99
N ALA B 52 -49.49 -18.44 -16.04
CA ALA B 52 -50.93 -18.58 -16.27
C ALA B 52 -51.68 -19.18 -15.10
N ALA B 53 -51.05 -20.10 -14.38
CA ALA B 53 -51.70 -20.77 -13.24
C ALA B 53 -52.21 -19.80 -12.18
N TYR B 54 -51.55 -18.66 -12.01
CA TYR B 54 -51.89 -17.75 -10.93
C TYR B 54 -53.12 -16.93 -11.27
N LEU B 55 -53.61 -17.07 -12.49
CA LEU B 55 -54.80 -16.36 -12.93
C LEU B 55 -56.08 -17.16 -12.67
N HIS B 56 -55.93 -18.43 -12.31
CA HIS B 56 -57.10 -19.22 -11.94
C HIS B 56 -56.90 -20.13 -10.72
N GLY B 57 -56.19 -19.61 -9.72
CA GLY B 57 -56.10 -20.25 -8.41
C GLY B 57 -55.31 -21.55 -8.36
N SER B 58 -54.42 -21.74 -9.32
N SER B 58 -54.41 -21.72 -9.33
CA SER B 58 -53.60 -22.95 -9.36
CA SER B 58 -53.59 -22.92 -9.44
C SER B 58 -52.18 -22.65 -8.89
C SER B 58 -52.17 -22.64 -8.95
N SER B 59 -51.32 -23.66 -8.95
CA SER B 59 -49.95 -23.49 -8.47
C SER B 59 -48.90 -23.93 -9.48
N VAL B 60 -47.67 -23.49 -9.27
CA VAL B 60 -46.53 -23.90 -10.09
C VAL B 60 -45.36 -24.19 -9.15
N ASN B 61 -44.87 -25.44 -9.18
CA ASN B 61 -43.75 -25.86 -8.34
C ASN B 61 -43.87 -25.44 -6.87
N GLY B 62 -45.09 -25.54 -6.33
CA GLY B 62 -45.33 -25.22 -4.93
C GLY B 62 -45.60 -23.74 -4.67
N TYR B 63 -45.49 -22.92 -5.70
CA TYR B 63 -45.76 -21.50 -5.55
C TYR B 63 -47.20 -21.20 -5.95
N GLN B 64 -47.77 -20.16 -5.35
CA GLN B 64 -49.09 -19.68 -5.72
C GLN B 64 -49.04 -18.17 -5.96
N ARG B 65 -50.16 -17.59 -6.35
CA ARG B 65 -50.25 -16.16 -6.63
C ARG B 65 -49.66 -15.29 -5.52
N ALA B 66 -49.98 -15.62 -4.27
CA ALA B 66 -49.55 -14.79 -3.14
C ALA B 66 -48.10 -15.06 -2.72
N THR B 67 -47.54 -16.19 -3.13
CA THR B 67 -46.25 -16.62 -2.59
C THR B 67 -45.09 -16.66 -3.59
N ALA B 68 -45.40 -16.52 -4.88
CA ALA B 68 -44.39 -16.64 -5.92
C ALA B 68 -43.30 -15.58 -5.83
N PRO B 69 -42.04 -15.98 -6.06
CA PRO B 69 -40.96 -14.99 -6.15
C PRO B 69 -41.21 -14.00 -7.29
N ILE B 70 -40.76 -12.77 -7.11
CA ILE B 70 -40.80 -11.77 -8.18
C ILE B 70 -39.39 -11.48 -8.68
N LEU B 71 -39.07 -11.97 -9.86
CA LEU B 71 -37.77 -11.73 -10.48
C LEU B 71 -37.82 -10.38 -11.17
N MET B 72 -36.83 -9.52 -10.90
CA MET B 72 -36.78 -8.22 -11.56
C MET B 72 -35.46 -8.12 -12.29
N PRO B 73 -35.40 -8.69 -13.50
CA PRO B 73 -34.18 -8.59 -14.29
C PRO B 73 -34.08 -7.24 -14.98
N ASN B 74 -32.88 -6.86 -15.36
CA ASN B 74 -32.70 -5.64 -16.14
C ASN B 74 -31.85 -5.92 -17.36
N THR B 75 -31.94 -5.05 -18.35
CA THR B 75 -31.18 -5.18 -19.58
C THR B 75 -30.04 -4.18 -19.70
N VAL B 76 -29.63 -3.59 -18.58
CA VAL B 76 -28.56 -2.64 -18.60
C VAL B 76 -27.22 -3.30 -18.93
N GLY B 77 -26.51 -2.74 -19.91
CA GLY B 77 -25.15 -3.15 -20.18
C GLY B 77 -24.39 -1.90 -20.58
N GLY B 78 -23.12 -1.81 -20.20
CA GLY B 78 -22.30 -0.68 -20.64
C GLY B 78 -22.72 0.63 -20.00
N TYR B 79 -23.56 0.54 -18.97
CA TYR B 79 -24.20 1.70 -18.35
C TYR B 79 -25.03 2.51 -19.35
N LEU B 80 -25.49 1.80 -20.37
CA LEU B 80 -26.39 2.31 -21.41
C LEU B 80 -27.82 2.08 -20.96
N PRO B 81 -28.79 2.73 -21.63
CA PRO B 81 -30.20 2.50 -21.30
C PRO B 81 -30.56 1.05 -21.43
N GLY B 82 -31.38 0.54 -20.52
CA GLY B 82 -31.86 -0.83 -20.66
C GLY B 82 -33.37 -0.89 -20.81
N PRO B 83 -33.86 -1.16 -22.03
CA PRO B 83 -35.31 -1.19 -22.27
C PRO B 83 -36.02 -2.28 -21.45
N ALA B 84 -37.29 -2.03 -21.15
CA ALA B 84 -38.13 -3.01 -20.47
C ALA B 84 -38.14 -4.28 -21.30
N ASP B 85 -37.91 -5.43 -20.65
CA ASP B 85 -37.77 -6.71 -21.35
C ASP B 85 -39.11 -7.43 -21.48
N ASP B 86 -39.11 -8.54 -22.21
CA ASP B 86 -40.35 -9.12 -22.69
C ASP B 86 -40.01 -10.53 -23.18
N PRO B 87 -40.79 -11.55 -22.78
CA PRO B 87 -40.48 -12.88 -23.31
C PRO B 87 -40.67 -12.99 -24.83
N GLN B 88 -41.36 -12.00 -25.41
CA GLN B 88 -41.55 -11.93 -26.86
C GLN B 88 -40.47 -11.11 -27.56
N ARG B 89 -39.62 -10.44 -26.78
CA ARG B 89 -38.58 -9.56 -27.33
C ARG B 89 -37.49 -10.33 -28.09
N VAL B 90 -37.14 -9.82 -29.28
CA VAL B 90 -36.05 -10.38 -30.07
C VAL B 90 -35.01 -9.32 -30.42
N THR B 91 -35.24 -8.10 -29.93
CA THR B 91 -34.33 -6.98 -30.20
C THR B 91 -33.27 -6.92 -29.12
N TRP B 92 -32.02 -6.69 -29.52
CA TRP B 92 -30.92 -6.52 -28.58
C TRP B 92 -30.99 -5.14 -27.91
N PRO B 93 -30.77 -5.09 -26.59
CA PRO B 93 -30.46 -6.18 -25.65
C PRO B 93 -31.71 -6.82 -25.09
N THR B 94 -31.65 -8.13 -24.82
CA THR B 94 -32.77 -8.82 -24.23
C THR B 94 -32.34 -10.10 -23.54
N ASN B 95 -33.04 -10.42 -22.46
CA ASN B 95 -32.91 -11.69 -21.77
C ASN B 95 -34.24 -12.45 -21.81
N ALA B 96 -34.90 -12.39 -22.96
CA ALA B 96 -36.23 -13.00 -23.12
C ALA B 96 -36.26 -14.48 -22.71
N GLY B 97 -35.21 -15.21 -23.06
CA GLY B 97 -35.08 -16.62 -22.70
C GLY B 97 -35.13 -16.87 -21.22
N THR B 98 -34.45 -16.01 -20.45
CA THR B 98 -34.49 -16.11 -19.00
C THR B 98 -35.89 -15.84 -18.44
N ILE B 99 -36.57 -14.85 -19.01
CA ILE B 99 -37.93 -14.54 -18.60
C ILE B 99 -38.86 -15.72 -18.91
N GLN B 100 -38.69 -16.33 -20.08
CA GLN B 100 -39.48 -17.50 -20.44
C GLN B 100 -39.29 -18.61 -19.43
N GLN B 101 -38.05 -18.91 -19.09
CA GLN B 101 -37.72 -19.95 -18.13
C GLN B 101 -38.21 -19.63 -16.73
N ALA B 102 -38.14 -18.36 -16.34
CA ALA B 102 -38.61 -17.91 -15.04
C ALA B 102 -40.11 -18.16 -14.90
N LEU B 103 -40.85 -17.79 -15.94
CA LEU B 103 -42.30 -17.99 -15.95
C LEU B 103 -42.65 -19.47 -15.82
N LYS B 104 -41.93 -20.31 -16.55
CA LYS B 104 -42.13 -21.75 -16.49
C LYS B 104 -41.83 -22.30 -15.08
N ARG B 105 -40.86 -21.68 -14.41
CA ARG B 105 -40.46 -22.08 -13.07
C ARG B 105 -41.46 -21.63 -12.01
N GLY B 106 -42.35 -20.69 -12.38
CA GLY B 106 -43.33 -20.20 -11.44
C GLY B 106 -43.07 -18.82 -10.84
N TYR B 107 -42.12 -18.08 -11.41
CA TYR B 107 -41.83 -16.76 -10.90
C TYR B 107 -42.64 -15.73 -11.64
N VAL B 108 -43.11 -14.70 -10.92
CA VAL B 108 -43.63 -13.50 -11.55
C VAL B 108 -42.41 -12.71 -12.05
N VAL B 109 -42.52 -12.05 -13.19
CA VAL B 109 -41.41 -11.27 -13.69
C VAL B 109 -41.85 -9.82 -13.91
N VAL B 110 -41.17 -8.90 -13.25
CA VAL B 110 -41.41 -7.49 -13.50
C VAL B 110 -40.15 -6.92 -14.14
N ALA B 111 -40.24 -6.57 -15.41
CA ALA B 111 -39.10 -6.11 -16.19
C ALA B 111 -39.17 -4.60 -16.45
N ALA B 112 -38.33 -3.85 -15.74
CA ALA B 112 -38.36 -2.39 -15.78
C ALA B 112 -37.39 -1.82 -16.81
N GLY B 113 -37.81 -0.77 -17.51
CA GLY B 113 -36.92 -0.02 -18.39
C GLY B 113 -36.12 0.94 -17.52
N ILE B 114 -34.83 1.08 -17.82
CA ILE B 114 -33.90 1.84 -16.98
CA ILE B 114 -33.93 1.87 -16.98
C ILE B 114 -33.12 2.84 -17.83
N ARG B 115 -33.12 4.13 -17.44
CA ARG B 115 -32.32 5.13 -18.16
C ARG B 115 -30.82 4.80 -18.08
N GLY B 116 -30.06 5.26 -19.07
CA GLY B 116 -28.61 5.11 -19.04
C GLY B 116 -27.90 6.34 -19.61
N ARG B 117 -26.57 6.25 -19.76
CA ARG B 117 -25.77 7.45 -19.95
C ARG B 117 -26.06 8.23 -21.24
N THR B 118 -26.68 7.58 -22.21
CA THR B 118 -27.00 8.21 -23.49
C THR B 118 -28.44 8.70 -23.60
N THR B 119 -29.22 8.50 -22.55
N THR B 119 -29.26 8.49 -22.57
CA THR B 119 -30.62 8.91 -22.58
CA THR B 119 -30.65 8.92 -22.65
C THR B 119 -30.79 10.43 -22.57
C THR B 119 -30.75 10.43 -22.61
N VAL B 120 -31.51 10.98 -23.55
CA VAL B 120 -31.72 12.42 -23.62
C VAL B 120 -33.21 12.78 -23.54
N ASP B 121 -33.55 13.86 -22.82
CA ASP B 121 -34.94 14.14 -22.47
C ASP B 121 -35.77 14.93 -23.48
N LYS B 122 -36.96 15.34 -23.04
CA LYS B 122 -37.86 16.19 -23.81
C LYS B 122 -37.15 17.44 -24.33
N SER B 123 -36.38 18.10 -23.46
CA SER B 123 -35.60 19.25 -23.88
C SER B 123 -34.25 18.86 -24.49
N GLY B 124 -34.00 17.56 -24.59
CA GLY B 124 -32.82 17.05 -25.28
C GLY B 124 -31.57 17.05 -24.42
N GLN B 125 -31.75 17.40 -23.16
CA GLN B 125 -30.69 17.34 -22.17
C GLN B 125 -30.37 15.88 -21.88
N ARG B 126 -29.14 15.60 -21.46
CA ARG B 126 -28.82 14.29 -20.93
C ARG B 126 -29.54 14.16 -19.59
N VAL B 127 -30.32 13.10 -19.43
CA VAL B 127 -31.06 12.87 -18.19
C VAL B 127 -30.85 11.46 -17.64
N GLY B 128 -29.82 10.77 -18.11
CA GLY B 128 -29.63 9.38 -17.71
C GLY B 128 -28.26 9.03 -17.17
N GLN B 129 -27.44 10.02 -16.85
CA GLN B 129 -26.15 9.73 -16.23
C GLN B 129 -26.33 9.42 -14.75
N ALA B 130 -25.27 9.01 -14.07
CA ALA B 130 -25.37 8.59 -12.67
C ALA B 130 -26.03 9.68 -11.81
N PRO B 131 -26.92 9.28 -10.88
CA PRO B 131 -27.34 7.93 -10.50
C PRO B 131 -28.66 7.47 -11.14
N ALA B 132 -28.97 7.94 -12.35
CA ALA B 132 -30.26 7.65 -12.98
C ALA B 132 -30.59 6.16 -13.00
N PHE B 133 -29.60 5.33 -13.31
CA PHE B 133 -29.83 3.90 -13.47
C PHE B 133 -30.39 3.25 -12.20
N ILE B 134 -29.82 3.60 -11.04
CA ILE B 134 -30.26 2.98 -9.79
C ILE B 134 -31.52 3.66 -9.24
N VAL B 135 -31.66 4.96 -9.50
CA VAL B 135 -32.90 5.66 -9.21
C VAL B 135 -34.10 4.98 -9.91
N ASP B 136 -33.93 4.64 -11.19
CA ASP B 136 -35.02 3.97 -11.91
C ASP B 136 -35.30 2.58 -11.36
N MET B 137 -34.24 1.83 -11.06
CA MET B 137 -34.40 0.50 -10.49
C MET B 137 -35.17 0.56 -9.19
N LYS B 138 -34.80 1.50 -8.32
CA LYS B 138 -35.49 1.70 -7.06
C LYS B 138 -36.96 2.11 -7.24
N ALA B 139 -37.23 2.99 -8.19
CA ALA B 139 -38.60 3.40 -8.46
C ALA B 139 -39.46 2.22 -8.93
N ALA B 140 -38.90 1.37 -9.77
CA ALA B 140 -39.63 0.19 -10.21
C ALA B 140 -39.89 -0.76 -9.04
N ILE B 141 -38.89 -0.94 -8.17
CA ILE B 141 -39.10 -1.75 -6.97
C ILE B 141 -40.20 -1.16 -6.10
N ARG B 142 -40.21 0.17 -5.95
CA ARG B 142 -41.21 0.82 -5.10
C ARG B 142 -42.60 0.63 -5.69
N TYR B 143 -42.70 0.69 -7.01
CA TYR B 143 -43.99 0.43 -7.67
C TYR B 143 -44.48 -0.99 -7.32
N VAL B 144 -43.58 -1.97 -7.40
CA VAL B 144 -43.96 -3.35 -7.08
C VAL B 144 -44.43 -3.50 -5.62
N LYS B 145 -43.66 -2.93 -4.70
CA LYS B 145 -44.00 -3.06 -3.28
C LYS B 145 -45.27 -2.27 -2.91
N TYR B 146 -45.45 -1.10 -3.52
CA TYR B 146 -46.67 -0.32 -3.32
C TYR B 146 -47.88 -1.13 -3.74
N ASN B 147 -47.68 -1.96 -4.76
CA ASN B 147 -48.75 -2.76 -5.32
C ASN B 147 -48.81 -4.22 -4.85
N GLN B 148 -48.21 -4.50 -3.68
N GLN B 148 -48.21 -4.48 -3.68
CA GLN B 148 -48.25 -5.83 -3.11
CA GLN B 148 -48.26 -5.81 -3.08
C GLN B 148 -49.70 -6.30 -2.97
C GLN B 148 -49.71 -6.29 -3.00
N GLY B 149 -49.95 -7.53 -3.40
CA GLY B 149 -51.29 -8.07 -3.36
C GLY B 149 -52.05 -7.83 -4.65
N ARG B 150 -52.03 -6.59 -5.14
CA ARG B 150 -52.65 -6.30 -6.44
C ARG B 150 -51.85 -6.99 -7.53
N LEU B 151 -50.53 -6.80 -7.51
CA LEU B 151 -49.63 -7.56 -8.37
C LEU B 151 -49.55 -9.00 -7.89
N PRO B 152 -49.69 -9.98 -8.82
CA PRO B 152 -49.39 -11.36 -8.43
C PRO B 152 -47.94 -11.47 -7.92
N GLY B 153 -47.69 -12.45 -7.05
CA GLY B 153 -46.36 -12.64 -6.50
C GLY B 153 -46.16 -12.02 -5.14
N ASP B 154 -45.07 -12.39 -4.48
CA ASP B 154 -44.80 -11.90 -3.14
C ASP B 154 -43.78 -10.76 -3.22
N ALA B 155 -44.23 -9.54 -2.91
CA ALA B 155 -43.38 -8.36 -2.96
C ALA B 155 -42.26 -8.40 -1.90
N ASN B 156 -42.36 -9.33 -0.95
CA ASN B 156 -41.27 -9.52 0.01
C ASN B 156 -40.24 -10.53 -0.49
N ARG B 157 -40.41 -10.97 -1.73
CA ARG B 157 -39.51 -11.94 -2.35
C ARG B 157 -39.04 -11.43 -3.71
N ILE B 158 -38.66 -10.17 -3.77
CA ILE B 158 -38.09 -9.58 -4.98
C ILE B 158 -36.62 -9.98 -5.12
N ILE B 159 -36.29 -10.58 -6.25
CA ILE B 159 -34.91 -10.95 -6.56
C ILE B 159 -34.51 -10.20 -7.84
N THR B 160 -33.51 -9.33 -7.72
CA THR B 160 -33.01 -8.62 -8.90
C THR B 160 -32.02 -9.51 -9.64
N ASN B 161 -31.89 -9.27 -10.94
CA ASN B 161 -30.91 -10.01 -11.74
C ASN B 161 -30.39 -9.08 -12.81
N GLY B 162 -29.13 -9.26 -13.17
CA GLY B 162 -28.53 -8.42 -14.19
C GLY B 162 -27.13 -8.88 -14.53
N THR B 163 -26.64 -8.44 -15.69
CA THR B 163 -25.31 -8.82 -16.14
C THR B 163 -24.43 -7.58 -16.33
N ALA B 164 -23.21 -7.66 -15.80
CA ALA B 164 -22.17 -6.64 -16.01
C ALA B 164 -22.57 -5.29 -15.39
N ALA B 165 -22.74 -4.23 -16.18
CA ALA B 165 -23.31 -3.01 -15.59
C ALA B 165 -24.68 -3.28 -14.95
N GLY B 166 -25.44 -4.20 -15.54
CA GLY B 166 -26.70 -4.63 -14.98
C GLY B 166 -26.53 -5.47 -13.72
N GLY B 167 -25.38 -6.14 -13.61
CA GLY B 167 -25.06 -6.87 -12.40
C GLY B 167 -24.73 -5.89 -11.29
N ALA B 168 -24.05 -4.80 -11.64
CA ALA B 168 -23.79 -3.73 -10.68
C ALA B 168 -25.12 -3.11 -10.20
N THR B 169 -26.08 -2.99 -11.11
CA THR B 169 -27.38 -2.40 -10.82
C THR B 169 -28.11 -3.28 -9.80
N SER B 170 -28.10 -4.58 -10.07
CA SER B 170 -28.71 -5.57 -9.17
C SER B 170 -28.05 -5.55 -7.79
N ALA B 171 -26.72 -5.62 -7.76
CA ALA B 171 -25.98 -5.55 -6.51
C ALA B 171 -26.26 -4.27 -5.75
N LEU B 172 -26.34 -3.15 -6.47
CA LEU B 172 -26.55 -1.88 -5.81
C LEU B 172 -27.95 -1.81 -5.19
N ALA B 173 -28.94 -2.37 -5.88
CA ALA B 173 -30.30 -2.38 -5.34
C ALA B 173 -30.34 -3.21 -4.06
N GLY B 174 -29.59 -4.31 -4.04
CA GLY B 174 -29.52 -5.14 -2.86
C GLY B 174 -28.75 -4.48 -1.72
N ALA B 175 -27.75 -3.67 -2.05
CA ALA B 175 -26.88 -3.10 -1.03
C ALA B 175 -27.46 -1.87 -0.39
N SER B 176 -28.26 -1.13 -1.15
CA SER B 176 -28.61 0.26 -0.79
C SER B 176 -30.06 0.49 -0.42
N GLY B 177 -30.77 -0.57 0.00
CA GLY B 177 -32.19 -0.50 0.32
C GLY B 177 -32.53 0.67 1.23
N ASN B 178 -33.43 1.53 0.76
CA ASN B 178 -33.95 2.65 1.55
C ASN B 178 -32.93 3.72 1.95
N SER B 179 -31.80 3.75 1.26
CA SER B 179 -30.80 4.80 1.48
C SER B 179 -31.38 6.20 1.24
N ALA B 180 -31.14 7.11 2.18
CA ALA B 180 -31.69 8.45 2.10
C ALA B 180 -31.07 9.26 0.96
N TYR B 181 -29.90 8.82 0.49
CA TYR B 181 -29.24 9.53 -0.61
C TYR B 181 -30.15 9.69 -1.84
N PHE B 182 -30.97 8.68 -2.11
CA PHE B 182 -31.74 8.66 -3.35
C PHE B 182 -33.13 9.25 -3.20
N GLU B 183 -33.47 9.69 -1.99
CA GLU B 183 -34.82 10.17 -1.76
C GLU B 183 -35.20 11.42 -2.58
N PRO B 184 -34.30 12.43 -2.66
CA PRO B 184 -34.62 13.59 -3.48
C PRO B 184 -34.89 13.27 -4.95
N ALA B 185 -34.09 12.38 -5.54
CA ALA B 185 -34.31 11.99 -6.94
C ALA B 185 -35.62 11.26 -7.10
N LEU B 186 -35.92 10.35 -6.17
CA LEU B 186 -37.16 9.59 -6.22
C LEU B 186 -38.37 10.48 -6.01
N THR B 187 -38.25 11.45 -5.11
CA THR B 187 -39.32 12.42 -4.87
C THR B 187 -39.61 13.24 -6.13
N ALA B 188 -38.55 13.69 -6.78
CA ALA B 188 -38.68 14.48 -7.99
C ALA B 188 -39.37 13.68 -9.09
N LEU B 189 -39.11 12.37 -9.13
CA LEU B 189 -39.75 11.53 -10.16
C LEU B 189 -41.20 11.20 -9.82
N GLY B 190 -41.60 11.39 -8.58
CA GLY B 190 -42.91 10.92 -8.15
C GLY B 190 -43.01 9.40 -8.09
N ALA B 191 -42.03 8.77 -7.45
CA ALA B 191 -42.05 7.32 -7.26
C ALA B 191 -43.11 6.94 -6.23
N ALA B 192 -43.53 5.68 -6.26
CA ALA B 192 -44.57 5.18 -5.36
C ALA B 192 -44.10 5.22 -3.91
N PRO B 193 -45.02 5.49 -2.98
CA PRO B 193 -44.64 5.61 -1.58
C PRO B 193 -44.52 4.25 -0.91
N ALA B 194 -43.37 3.63 -1.11
CA ALA B 194 -43.11 2.31 -0.59
C ALA B 194 -41.60 2.19 -0.42
N THR B 195 -41.15 1.12 0.24
CA THR B 195 -39.72 0.89 0.39
C THR B 195 -39.11 0.30 -0.88
N ASP B 196 -37.78 0.25 -0.95
CA ASP B 196 -37.11 -0.35 -2.11
C ASP B 196 -36.04 -1.37 -1.75
N ASP B 197 -36.02 -1.81 -0.49
CA ASP B 197 -35.12 -2.90 -0.13
C ASP B 197 -35.67 -4.20 -0.74
N ILE B 198 -34.77 -5.10 -1.11
CA ILE B 198 -35.20 -6.32 -1.78
C ILE B 198 -34.78 -7.56 -1.01
N PHE B 199 -35.25 -8.72 -1.48
CA PHE B 199 -35.05 -9.98 -0.77
C PHE B 199 -33.72 -10.65 -1.11
N ALA B 200 -33.35 -10.67 -2.38
CA ALA B 200 -32.14 -11.38 -2.81
C ALA B 200 -31.58 -10.75 -4.07
N VAL B 201 -30.27 -10.94 -4.28
CA VAL B 201 -29.54 -10.38 -5.43
C VAL B 201 -28.94 -11.52 -6.26
N SER B 202 -29.27 -11.55 -7.54
CA SER B 202 -28.47 -12.30 -8.49
C SER B 202 -27.66 -11.30 -9.31
N ALA B 203 -26.35 -11.52 -9.42
CA ALA B 203 -25.50 -10.61 -10.19
C ALA B 203 -24.43 -11.36 -10.95
N TYR B 204 -24.39 -11.17 -12.26
CA TYR B 204 -23.35 -11.72 -13.13
C TYR B 204 -22.35 -10.64 -13.46
N CYS B 205 -21.08 -10.97 -13.30
CA CYS B 205 -19.95 -10.06 -13.56
C CYS B 205 -20.19 -8.59 -13.25
N PRO B 206 -20.62 -8.27 -12.02
CA PRO B 206 -21.00 -6.89 -11.71
C PRO B 206 -19.82 -5.92 -11.91
N ILE B 207 -19.98 -4.96 -12.82
CA ILE B 207 -18.92 -4.00 -13.08
C ILE B 207 -19.16 -2.83 -12.13
N HIS B 208 -18.53 -2.91 -10.96
CA HIS B 208 -18.78 -1.99 -9.87
C HIS B 208 -17.45 -1.64 -9.20
N ASN B 209 -17.52 -0.82 -8.15
CA ASN B 209 -16.32 -0.37 -7.44
C ASN B 209 -15.42 0.33 -8.43
N LEU B 210 -16.04 1.14 -9.28
CA LEU B 210 -15.36 1.76 -10.41
C LEU B 210 -14.14 2.59 -10.03
N GLU B 211 -14.20 3.22 -8.86
CA GLU B 211 -13.13 4.11 -8.43
C GLU B 211 -11.89 3.38 -7.93
N HIS B 212 -11.97 2.05 -7.84
CA HIS B 212 -10.80 1.24 -7.46
C HIS B 212 -10.47 0.21 -8.52
N ALA B 213 -11.24 0.22 -9.61
CA ALA B 213 -11.10 -0.82 -10.62
C ALA B 213 -9.81 -0.67 -11.44
N ASP B 214 -9.33 0.55 -11.62
CA ASP B 214 -8.05 0.74 -12.33
C ASP B 214 -6.90 0.12 -11.55
N MET B 215 -6.86 0.35 -10.23
CA MET B 215 -5.85 -0.27 -9.37
CA MET B 215 -5.84 -0.26 -9.39
C MET B 215 -5.90 -1.78 -9.46
N ALA B 216 -7.11 -2.33 -9.32
CA ALA B 216 -7.30 -3.77 -9.36
C ALA B 216 -6.89 -4.34 -10.72
N TYR B 217 -7.23 -3.63 -11.78
CA TYR B 217 -6.88 -4.10 -13.13
C TYR B 217 -5.36 -4.23 -13.34
N GLU B 218 -4.62 -3.26 -12.81
CA GLU B 218 -3.17 -3.28 -12.99
C GLU B 218 -2.48 -4.22 -12.01
N TRP B 219 -3.05 -4.39 -10.82
CA TRP B 219 -2.57 -5.43 -9.93
C TRP B 219 -2.63 -6.76 -10.68
N GLN B 220 -3.72 -6.98 -11.41
CA GLN B 220 -3.87 -8.24 -12.12
C GLN B 220 -3.02 -8.35 -13.38
N PHE B 221 -3.00 -7.28 -14.18
CA PHE B 221 -2.46 -7.41 -15.53
C PHE B 221 -1.14 -6.70 -15.79
N ASN B 222 -0.54 -6.05 -14.78
CA ASN B 222 0.77 -5.45 -14.99
C ASN B 222 1.76 -6.52 -15.47
N GLY B 223 2.59 -6.14 -16.44
CA GLY B 223 3.60 -7.05 -16.98
C GLY B 223 3.09 -7.76 -18.21
N ILE B 224 1.81 -7.62 -18.48
CA ILE B 224 1.22 -8.14 -19.72
C ILE B 224 0.92 -6.92 -20.59
N ASN B 225 1.75 -6.70 -21.60
CA ASN B 225 1.75 -5.42 -22.30
C ASN B 225 0.99 -5.34 -23.62
N ASP B 226 0.45 -6.45 -24.07
CA ASP B 226 -0.47 -6.43 -25.21
C ASP B 226 -1.91 -6.56 -24.72
N TRP B 227 -2.83 -5.80 -25.32
CA TRP B 227 -4.24 -5.90 -24.95
C TRP B 227 -5.07 -6.30 -26.16
N HIS B 228 -6.20 -6.95 -25.88
CA HIS B 228 -7.06 -7.48 -26.95
C HIS B 228 -8.51 -7.34 -26.55
N ARG B 229 -9.28 -6.62 -27.35
CA ARG B 229 -10.71 -6.43 -27.07
C ARG B 229 -11.48 -6.35 -28.39
N TYR B 230 -12.59 -5.61 -28.38
CA TYR B 230 -13.47 -5.53 -29.56
C TYR B 230 -13.85 -4.10 -29.81
N GLN B 231 -14.21 -3.79 -31.05
CA GLN B 231 -14.74 -2.49 -31.35
C GLN B 231 -15.86 -2.66 -32.37
N PRO B 232 -16.84 -1.74 -32.35
CA PRO B 232 -17.95 -1.93 -33.27
C PRO B 232 -17.55 -1.72 -34.73
N VAL B 233 -18.35 -2.28 -35.62
CA VAL B 233 -18.18 -2.13 -37.05
C VAL B 233 -19.50 -1.59 -37.56
N ALA B 234 -19.47 -0.79 -38.63
CA ALA B 234 -20.70 -0.28 -39.25
C ALA B 234 -21.74 -1.38 -39.44
N GLY B 235 -23.01 -1.04 -39.21
CA GLY B 235 -24.09 -1.98 -39.40
C GLY B 235 -24.46 -2.76 -38.15
N THR B 236 -25.54 -3.53 -38.25
CA THR B 236 -26.03 -4.35 -37.16
C THR B 236 -26.41 -5.72 -37.68
N THR B 237 -26.47 -6.69 -36.76
CA THR B 237 -27.07 -7.98 -37.08
C THR B 237 -28.59 -7.80 -37.12
N LYS B 238 -29.31 -8.87 -37.40
CA LYS B 238 -30.75 -8.77 -37.63
C LYS B 238 -31.54 -8.38 -36.38
N ASN B 239 -30.95 -8.59 -35.21
CA ASN B 239 -31.58 -8.22 -33.96
C ASN B 239 -31.16 -6.84 -33.47
N GLY B 240 -30.40 -6.13 -34.31
CA GLY B 240 -29.97 -4.78 -34.00
C GLY B 240 -28.73 -4.70 -33.13
N ARG B 241 -28.10 -5.84 -32.88
CA ARG B 241 -26.82 -5.83 -32.19
C ARG B 241 -25.78 -5.34 -33.18
N PRO B 242 -25.09 -4.22 -32.84
CA PRO B 242 -24.04 -3.68 -33.70
C PRO B 242 -22.98 -4.72 -34.00
N LYS B 243 -22.37 -4.67 -35.18
CA LYS B 243 -21.34 -5.64 -35.54
C LYS B 243 -20.03 -5.32 -34.82
N PHE B 244 -19.20 -6.34 -34.62
CA PHE B 244 -17.95 -6.18 -33.89
C PHE B 244 -16.77 -6.80 -34.63
N GLU B 245 -15.58 -6.33 -34.31
CA GLU B 245 -14.35 -6.98 -34.74
C GLU B 245 -13.34 -6.86 -33.62
N PRO B 246 -12.40 -7.80 -33.56
CA PRO B 246 -11.28 -7.71 -32.61
C PRO B 246 -10.37 -6.52 -32.89
N VAL B 247 -9.81 -5.94 -31.83
CA VAL B 247 -8.82 -4.88 -31.97
C VAL B 247 -7.81 -5.08 -30.86
N SER B 248 -6.53 -4.90 -31.19
CA SER B 248 -5.47 -5.16 -30.23
C SER B 248 -4.50 -4.02 -30.25
N GLY B 249 -3.71 -3.89 -29.18
CA GLY B 249 -2.71 -2.84 -29.12
C GLY B 249 -1.60 -3.19 -28.16
N GLN B 250 -0.56 -2.36 -28.15
CA GLN B 250 0.53 -2.50 -27.19
C GLN B 250 0.52 -1.33 -26.23
N LEU B 251 0.76 -1.60 -24.95
CA LEU B 251 0.84 -0.52 -23.97
C LEU B 251 2.06 0.35 -24.27
N THR B 252 1.88 1.66 -24.25
CA THR B 252 2.99 2.59 -24.46
C THR B 252 3.91 2.59 -23.24
N VAL B 253 5.09 3.18 -23.39
CA VAL B 253 5.98 3.30 -22.24
C VAL B 253 5.29 4.08 -21.12
N GLU B 254 4.47 5.07 -21.49
CA GLU B 254 3.76 5.86 -20.49
C GLU B 254 2.72 5.02 -19.76
N GLU B 255 2.00 4.18 -20.51
CA GLU B 255 0.98 3.34 -19.92
C GLU B 255 1.58 2.27 -19.01
N GLN B 256 2.72 1.71 -19.39
CA GLN B 256 3.39 0.72 -18.57
C GLN B 256 3.84 1.34 -17.25
N ALA B 257 4.29 2.59 -17.32
CA ALA B 257 4.77 3.32 -16.16
C ALA B 257 3.62 3.58 -15.19
N LEU B 258 2.48 4.00 -15.75
CA LEU B 258 1.30 4.26 -14.96
C LEU B 258 0.77 2.96 -14.34
N SER B 259 0.85 1.87 -15.10
CA SER B 259 0.41 0.56 -14.61
C SER B 259 1.12 0.15 -13.31
N LEU B 260 2.43 0.37 -13.24
CA LEU B 260 3.21 -0.09 -12.10
C LEU B 260 2.77 0.63 -10.84
N ALA B 261 2.48 1.91 -10.97
CA ALA B 261 2.02 2.73 -9.85
C ALA B 261 0.60 2.34 -9.42
N LEU B 262 -0.28 2.12 -10.39
CA LEU B 262 -1.63 1.67 -10.09
C LEU B 262 -1.61 0.33 -9.34
N LYS B 263 -0.76 -0.59 -9.79
CA LYS B 263 -0.63 -1.88 -9.14
C LYS B 263 -0.20 -1.72 -7.69
N ALA B 264 0.81 -0.88 -7.47
CA ALA B 264 1.34 -0.67 -6.13
C ALA B 264 0.25 -0.08 -5.23
N GLN B 265 -0.51 0.88 -5.75
CA GLN B 265 -1.57 1.48 -4.96
C GLN B 265 -2.64 0.47 -4.56
N PHE B 266 -2.87 -0.56 -5.38
CA PHE B 266 -3.87 -1.55 -5.05
C PHE B 266 -3.61 -2.22 -3.70
N SER B 267 -2.33 -2.47 -3.37
CA SER B 267 -2.02 -3.16 -2.11
C SER B 267 -2.56 -2.38 -0.92
N THR B 268 -2.33 -1.06 -0.94
CA THR B 268 -2.78 -0.18 0.13
C THR B 268 -4.31 -0.17 0.23
N TYR B 269 -4.97 -0.01 -0.91
CA TYR B 269 -6.42 -0.03 -0.93
C TYR B 269 -6.95 -1.34 -0.37
N LEU B 270 -6.39 -2.45 -0.85
CA LEU B 270 -6.89 -3.77 -0.49
C LEU B 270 -6.69 -4.01 0.99
N ASN B 271 -5.51 -3.71 1.49
CA ASN B 271 -5.21 -3.92 2.90
C ASN B 271 -6.14 -3.17 3.84
N GLN B 272 -6.49 -1.94 3.47
CA GLN B 272 -7.32 -1.10 4.34
C GLN B 272 -8.78 -1.54 4.41
N LEU B 273 -9.18 -2.44 3.51
CA LEU B 273 -10.50 -3.03 3.61
C LEU B 273 -10.62 -4.00 4.77
N LYS B 274 -9.48 -4.47 5.30
CA LYS B 274 -9.49 -5.44 6.40
C LYS B 274 -10.34 -6.67 6.12
N LEU B 275 -10.17 -7.26 4.93
CA LEU B 275 -10.91 -8.47 4.58
C LEU B 275 -10.38 -9.69 5.33
N THR B 276 -11.29 -10.61 5.70
CA THR B 276 -10.87 -11.88 6.29
C THR B 276 -11.46 -13.11 5.59
N ALA B 277 -10.71 -14.21 5.61
CA ALA B 277 -11.21 -15.50 5.13
C ALA B 277 -12.22 -16.01 6.13
N SER B 278 -13.01 -17.02 5.74
CA SER B 278 -14.03 -17.59 6.63
C SER B 278 -13.44 -18.09 7.94
N ASP B 279 -12.18 -18.53 7.90
CA ASP B 279 -11.51 -19.01 9.11
C ASP B 279 -10.81 -17.91 9.91
N GLY B 280 -11.00 -16.66 9.49
CA GLY B 280 -10.44 -15.55 10.25
C GLY B 280 -9.14 -15.01 9.69
N THR B 281 -8.52 -15.76 8.79
CA THR B 281 -7.25 -15.34 8.19
C THR B 281 -7.35 -13.97 7.52
N HIS B 282 -6.49 -13.04 7.92
CA HIS B 282 -6.41 -11.73 7.27
C HIS B 282 -5.97 -11.88 5.82
N LEU B 283 -6.69 -11.23 4.92
CA LEU B 283 -6.38 -11.31 3.52
C LEU B 283 -5.71 -10.01 3.10
N THR B 284 -4.40 -10.08 2.86
CA THR B 284 -3.61 -8.88 2.65
C THR B 284 -2.67 -9.04 1.44
N LEU B 285 -2.04 -7.93 1.06
CA LEU B 285 -1.01 -7.91 0.02
C LEU B 285 0.21 -7.14 0.52
N ASN B 286 1.40 -7.54 0.09
CA ASN B 286 2.61 -6.77 0.40
C ASN B 286 2.91 -5.71 -0.68
N GLU B 287 4.05 -5.03 -0.54
CA GLU B 287 4.41 -3.94 -1.47
C GLU B 287 4.40 -4.39 -2.93
N ALA B 288 4.76 -5.65 -3.14
CA ALA B 288 4.86 -6.23 -4.47
C ALA B 288 3.56 -6.86 -4.99
N GLY B 289 2.49 -6.84 -4.19
CA GLY B 289 1.22 -7.40 -4.62
C GLY B 289 1.04 -8.90 -4.37
N MET B 290 1.92 -9.46 -3.57
CA MET B 290 1.86 -10.87 -3.22
C MET B 290 1.25 -11.02 -1.84
N GLY B 291 0.62 -12.15 -1.57
CA GLY B 291 0.13 -12.39 -0.23
C GLY B 291 -1.11 -13.24 -0.17
N SER B 292 -1.72 -13.30 1.01
CA SER B 292 -2.88 -14.16 1.24
C SER B 292 -4.09 -13.80 0.39
N PHE B 293 -4.28 -12.51 0.10
CA PHE B 293 -5.37 -12.16 -0.81
C PHE B 293 -5.15 -12.72 -2.20
N ARG B 294 -3.94 -12.57 -2.72
CA ARG B 294 -3.61 -13.16 -4.01
C ARG B 294 -3.79 -14.69 -4.00
N ASP B 295 -3.45 -15.33 -2.88
CA ASP B 295 -3.65 -16.77 -2.76
C ASP B 295 -5.12 -17.15 -2.84
N VAL B 296 -6.00 -16.30 -2.31
CA VAL B 296 -7.45 -16.51 -2.41
C VAL B 296 -7.93 -16.43 -3.86
N VAL B 297 -7.39 -15.47 -4.62
CA VAL B 297 -7.76 -15.38 -6.02
C VAL B 297 -7.36 -16.67 -6.74
N ARG B 298 -6.13 -17.11 -6.49
CA ARG B 298 -5.64 -18.35 -7.09
C ARG B 298 -6.49 -19.54 -6.69
N GLN B 299 -6.85 -19.63 -5.42
CA GLN B 299 -7.65 -20.76 -4.93
C GLN B 299 -9.02 -20.84 -5.60
N LEU B 300 -9.65 -19.69 -5.78
CA LEU B 300 -10.93 -19.65 -6.50
C LEU B 300 -10.79 -20.14 -7.95
N LEU B 301 -9.70 -19.78 -8.62
CA LEU B 301 -9.49 -20.29 -9.97
C LEU B 301 -9.15 -21.77 -10.00
N ILE B 302 -8.40 -22.25 -9.00
CA ILE B 302 -8.15 -23.68 -8.88
C ILE B 302 -9.45 -24.46 -8.64
N SER B 303 -10.32 -23.90 -7.81
CA SER B 303 -11.60 -24.53 -7.54
C SER B 303 -12.43 -24.59 -8.83
N SER B 304 -12.39 -23.51 -9.60
CA SER B 304 -13.08 -23.44 -10.88
C SER B 304 -12.61 -24.55 -11.81
N ALA B 305 -11.28 -24.69 -11.90
CA ALA B 305 -10.68 -25.70 -12.77
C ALA B 305 -11.02 -27.11 -12.30
N GLN B 306 -10.97 -27.34 -10.98
CA GLN B 306 -11.27 -28.65 -10.43
C GLN B 306 -12.69 -29.10 -10.76
N THR B 307 -13.63 -28.17 -10.65
CA THR B 307 -15.02 -28.43 -10.97
C THR B 307 -15.16 -28.87 -12.43
N ALA B 308 -14.53 -28.13 -13.34
CA ALA B 308 -14.54 -28.50 -14.74
C ALA B 308 -13.78 -29.80 -15.02
N PHE B 309 -12.59 -29.94 -14.43
CA PHE B 309 -11.82 -31.18 -14.58
C PHE B 309 -12.69 -32.37 -14.18
N ASP B 310 -13.43 -32.22 -13.09
CA ASP B 310 -14.25 -33.32 -12.58
C ASP B 310 -15.44 -33.64 -13.47
N GLN B 311 -15.71 -32.79 -14.47
CA GLN B 311 -16.76 -33.08 -15.46
C GLN B 311 -16.17 -33.68 -16.73
N GLY B 312 -14.86 -33.79 -16.78
CA GLY B 312 -14.19 -34.38 -17.91
C GLY B 312 -13.57 -33.35 -18.84
N THR B 313 -13.62 -32.08 -18.44
CA THR B 313 -13.08 -31.00 -19.26
C THR B 313 -11.56 -30.91 -19.17
N ASP B 314 -10.88 -30.75 -20.30
CA ASP B 314 -9.43 -30.55 -20.29
C ASP B 314 -9.12 -29.09 -19.96
N ILE B 315 -8.68 -28.85 -18.74
CA ILE B 315 -8.46 -27.49 -18.28
C ILE B 315 -7.15 -26.90 -18.80
N HIS B 316 -6.33 -27.73 -19.44
CA HIS B 316 -5.08 -27.25 -20.02
C HIS B 316 -5.32 -26.47 -21.33
N LYS B 317 -6.59 -26.28 -21.67
CA LYS B 317 -6.99 -25.30 -22.67
C LYS B 317 -6.30 -23.97 -22.38
N TYR B 318 -6.21 -23.62 -21.08
CA TYR B 318 -5.45 -22.45 -20.65
C TYR B 318 -4.15 -22.87 -19.96
N ALA B 319 -3.12 -22.04 -20.10
CA ALA B 319 -1.84 -22.28 -19.45
C ALA B 319 -1.91 -22.09 -17.94
N GLY B 320 -1.01 -22.76 -17.22
CA GLY B 320 -0.74 -22.41 -15.84
C GLY B 320 -1.17 -23.40 -14.77
N PHE B 321 -2.10 -24.29 -15.11
CA PHE B 321 -2.64 -25.21 -14.11
C PHE B 321 -1.75 -26.43 -13.94
N VAL B 322 -1.52 -26.82 -12.69
CA VAL B 322 -0.78 -28.05 -12.42
C VAL B 322 -1.76 -29.12 -11.98
N VAL B 323 -1.78 -30.23 -12.72
CA VAL B 323 -2.61 -31.37 -12.34
C VAL B 323 -1.70 -32.48 -11.82
N THR B 324 -1.99 -32.96 -10.62
CA THR B 324 -1.29 -34.14 -10.10
C THR B 324 -2.31 -35.24 -9.89
N GLY B 325 -2.12 -36.37 -10.57
CA GLY B 325 -3.14 -37.41 -10.55
C GLY B 325 -4.45 -36.85 -11.06
N ASN B 326 -5.46 -36.84 -10.20
CA ASN B 326 -6.79 -36.35 -10.58
C ASN B 326 -7.15 -35.03 -9.89
N GLN B 327 -6.14 -34.33 -9.39
CA GLN B 327 -6.36 -33.11 -8.62
C GLN B 327 -5.66 -31.91 -9.27
N VAL B 328 -6.35 -30.77 -9.35
CA VAL B 328 -5.71 -29.54 -9.76
C VAL B 328 -5.00 -29.03 -8.51
N THR B 329 -3.70 -29.29 -8.42
CA THR B 329 -2.97 -29.04 -7.18
C THR B 329 -2.39 -27.63 -7.06
N ASP B 330 -2.29 -26.91 -8.17
CA ASP B 330 -1.68 -25.58 -8.15
C ASP B 330 -2.01 -24.81 -9.41
N LEU B 331 -1.64 -23.54 -9.41
CA LEU B 331 -1.84 -22.66 -10.56
C LEU B 331 -0.77 -21.59 -10.59
N ASP B 332 -0.11 -21.45 -11.73
CA ASP B 332 0.78 -20.33 -12.01
C ASP B 332 -0.16 -19.22 -12.47
N LEU B 333 -0.49 -18.32 -11.55
CA LEU B 333 -1.49 -17.28 -11.82
C LEU B 333 -1.05 -16.36 -12.95
N SER B 334 0.23 -15.99 -12.96
CA SER B 334 0.75 -15.14 -14.03
C SER B 334 0.61 -15.79 -15.42
N ALA B 335 0.95 -17.08 -15.50
CA ALA B 335 0.80 -17.82 -16.74
C ALA B 335 -0.65 -17.85 -17.20
N TYR B 336 -1.57 -18.07 -16.26
CA TYR B 336 -2.98 -18.14 -16.62
C TYR B 336 -3.49 -16.81 -17.16
N LEU B 337 -3.12 -15.72 -16.50
CA LEU B 337 -3.56 -14.40 -16.92
C LEU B 337 -2.96 -14.05 -18.29
N LYS B 338 -1.72 -14.47 -18.52
CA LYS B 338 -1.11 -14.29 -19.83
C LYS B 338 -1.87 -15.10 -20.88
N SER B 339 -2.33 -16.29 -20.48
CA SER B 339 -3.12 -17.15 -21.37
C SER B 339 -4.46 -16.52 -21.72
N LEU B 340 -5.14 -15.95 -20.72
CA LEU B 340 -6.44 -15.31 -20.94
C LEU B 340 -6.32 -14.09 -21.82
N THR B 341 -5.22 -13.38 -21.64
CA THR B 341 -4.90 -12.06 -22.23
C THR B 341 -5.51 -10.87 -21.51
N ARG B 342 -4.80 -9.75 -21.54
CA ARG B 342 -5.32 -8.50 -21.01
C ARG B 342 -6.31 -7.94 -22.02
N MET B 343 -7.42 -7.38 -21.52
CA MET B 343 -8.43 -6.79 -22.42
C MET B 343 -8.25 -5.29 -22.59
N LYS B 344 -8.11 -4.57 -21.49
CA LYS B 344 -8.12 -3.11 -21.51
C LYS B 344 -6.75 -2.50 -21.30
N ALA B 345 -6.54 -1.31 -21.84
CA ALA B 345 -5.28 -0.58 -21.64
C ALA B 345 -5.29 0.17 -20.29
N VAL B 346 -4.48 1.22 -20.17
CA VAL B 346 -4.19 1.86 -18.87
C VAL B 346 -4.41 3.38 -18.91
N PRO B 347 -5.27 3.90 -18.02
CA PRO B 347 -6.15 3.18 -17.09
C PRO B 347 -7.28 2.47 -17.83
N ALA B 348 -7.78 1.39 -17.23
CA ALA B 348 -8.80 0.59 -17.88
C ALA B 348 -10.19 1.23 -17.79
N PHE B 349 -10.40 2.05 -16.76
CA PHE B 349 -11.72 2.62 -16.50
C PHE B 349 -11.77 4.14 -16.54
N ASP B 350 -10.97 4.80 -15.71
CA ASP B 350 -10.95 6.25 -15.71
C ASP B 350 -9.87 6.73 -16.69
N GLN B 351 -10.25 6.86 -17.97
CA GLN B 351 -9.30 7.24 -19.00
C GLN B 351 -8.88 8.70 -18.87
N LEU B 352 -7.62 8.99 -19.18
CA LEU B 352 -7.03 10.29 -18.88
C LEU B 352 -7.62 11.40 -19.75
N ASP B 353 -8.20 11.00 -20.88
CA ASP B 353 -8.82 11.94 -21.81
C ASP B 353 -10.35 11.83 -21.81
N LEU B 354 -10.90 11.22 -20.76
CA LEU B 354 -12.35 11.19 -20.52
C LEU B 354 -13.16 10.37 -21.53
N THR B 355 -12.53 9.41 -22.20
CA THR B 355 -13.19 8.72 -23.31
C THR B 355 -13.89 7.38 -23.00
N SER B 356 -13.88 6.96 -21.73
CA SER B 356 -14.46 5.65 -21.38
C SER B 356 -15.96 5.72 -21.10
N PRO B 357 -16.64 4.56 -21.12
CA PRO B 357 -18.07 4.53 -20.78
C PRO B 357 -18.29 5.00 -19.35
N GLU B 358 -17.37 4.67 -18.45
CA GLU B 358 -17.48 5.11 -17.07
C GLU B 358 -17.27 6.62 -16.93
N ASN B 359 -16.36 7.19 -17.72
CA ASN B 359 -16.23 8.65 -17.74
C ASN B 359 -17.56 9.31 -18.08
N ASN B 360 -18.26 8.75 -19.06
CA ASN B 360 -19.53 9.30 -19.52
C ASN B 360 -20.62 9.06 -18.48
N LEU B 361 -20.57 7.92 -17.81
CA LEU B 361 -21.53 7.63 -16.72
C LEU B 361 -21.50 8.72 -15.65
N PHE B 362 -20.29 9.18 -15.34
CA PHE B 362 -20.10 10.18 -14.30
C PHE B 362 -20.17 11.62 -14.81
N GLY B 363 -20.54 11.80 -16.07
CA GLY B 363 -20.85 13.12 -16.57
C GLY B 363 -22.20 13.57 -16.02
N ASP B 364 -22.59 14.80 -16.34
CA ASP B 364 -23.92 15.30 -15.94
C ASP B 364 -24.51 16.15 -17.05
N ALA B 365 -25.56 16.91 -16.77
CA ALA B 365 -26.18 17.71 -17.83
C ALA B 365 -25.24 18.79 -18.37
N THR B 366 -24.22 19.14 -17.58
CA THR B 366 -23.30 20.23 -17.92
C THR B 366 -21.94 19.76 -18.46
N ALA B 367 -21.52 18.55 -18.09
CA ALA B 367 -20.24 18.00 -18.55
C ALA B 367 -20.45 16.58 -19.04
N LYS B 368 -20.13 16.30 -20.29
CA LYS B 368 -20.47 15.00 -20.86
C LYS B 368 -19.72 13.85 -20.17
N ALA B 369 -18.51 14.12 -19.71
CA ALA B 369 -17.70 13.10 -19.03
C ALA B 369 -16.90 13.72 -17.89
N LYS B 370 -16.61 12.90 -16.87
CA LYS B 370 -15.82 13.36 -15.73
C LYS B 370 -14.86 12.26 -15.29
N HIS B 371 -13.88 12.64 -14.47
CA HIS B 371 -13.02 11.66 -13.83
C HIS B 371 -13.69 11.21 -12.54
N PHE B 372 -13.21 10.10 -11.98
CA PHE B 372 -13.79 9.56 -10.74
C PHE B 372 -12.74 8.92 -9.84
N THR B 373 -11.49 9.23 -10.13
CA THR B 373 -10.36 8.82 -9.30
C THR B 373 -9.41 9.99 -9.19
N ALA B 374 -8.69 10.05 -8.07
CA ALA B 374 -7.73 11.12 -7.87
C ALA B 374 -6.62 11.06 -8.90
N LEU B 375 -6.18 9.84 -9.21
CA LEU B 375 -5.03 9.67 -10.10
C LEU B 375 -5.34 10.17 -11.52
N ALA B 376 -6.51 9.85 -12.04
CA ALA B 376 -6.78 10.28 -13.40
C ALA B 376 -7.10 11.78 -13.50
N GLN B 377 -7.63 12.34 -12.42
CA GLN B 377 -7.86 13.79 -12.39
C GLN B 377 -6.52 14.50 -12.38
N THR B 378 -5.59 14.02 -11.56
CA THR B 378 -4.25 14.60 -11.48
CA THR B 378 -4.26 14.62 -11.49
C THR B 378 -3.52 14.47 -12.81
N ARG B 379 -3.64 13.29 -13.43
CA ARG B 379 -2.94 13.00 -14.68
C ARG B 379 -3.79 13.23 -15.93
N SER B 380 -4.88 13.96 -15.79
CA SER B 380 -5.78 14.21 -16.92
C SER B 380 -5.05 14.90 -18.05
N THR B 381 -5.27 14.42 -19.27
CA THR B 381 -4.66 15.03 -20.45
C THR B 381 -5.57 16.11 -21.04
N VAL B 382 -6.79 16.20 -20.53
CA VAL B 382 -7.67 17.31 -20.90
C VAL B 382 -8.21 18.00 -19.65
N THR B 383 -8.57 19.26 -19.78
CA THR B 383 -9.19 19.99 -18.67
C THR B 383 -10.45 19.23 -18.31
N ALA B 384 -10.61 18.95 -17.02
CA ALA B 384 -11.66 18.04 -16.58
C ALA B 384 -12.04 18.29 -15.13
N GLN B 385 -13.20 17.78 -14.74
CA GLN B 385 -13.63 17.85 -13.36
C GLN B 385 -13.82 16.45 -12.79
N LEU B 386 -13.70 16.36 -11.47
CA LEU B 386 -13.88 15.10 -10.78
C LEU B 386 -15.33 15.03 -10.32
N ALA B 387 -15.95 13.87 -10.54
CA ALA B 387 -17.32 13.65 -10.08
C ALA B 387 -17.39 13.81 -8.56
N ASP B 388 -18.56 14.25 -8.10
CA ASP B 388 -18.86 14.42 -6.68
C ASP B 388 -18.55 13.14 -5.88
N ALA B 389 -17.80 13.28 -4.78
CA ALA B 389 -17.38 12.11 -4.01
C ALA B 389 -18.57 11.33 -3.44
N GLU B 390 -19.63 12.03 -3.07
CA GLU B 390 -20.76 11.34 -2.49
C GLU B 390 -21.49 10.49 -3.55
N LEU B 391 -21.50 10.96 -4.79
CA LEU B 391 -22.15 10.24 -5.88
C LEU B 391 -21.37 8.97 -6.23
N ILE B 392 -20.04 9.09 -6.29
CA ILE B 392 -19.18 7.92 -6.53
C ILE B 392 -19.43 6.87 -5.45
N GLN B 393 -19.42 7.32 -4.19
CA GLN B 393 -19.70 6.44 -3.05
C GLN B 393 -21.10 5.82 -3.14
N ALA B 394 -22.07 6.65 -3.54
CA ALA B 394 -23.46 6.22 -3.55
C ALA B 394 -23.73 5.08 -4.54
N ILE B 395 -23.02 5.04 -5.66
CA ILE B 395 -23.33 3.99 -6.65
C ILE B 395 -22.43 2.77 -6.52
N ASN B 396 -21.61 2.75 -5.48
CA ASN B 396 -20.75 1.61 -5.23
C ASN B 396 -21.38 0.72 -4.17
N PRO B 397 -21.78 -0.52 -4.53
CA PRO B 397 -22.39 -1.41 -3.52
C PRO B 397 -21.55 -1.60 -2.25
N LEU B 398 -20.22 -1.54 -2.35
CA LEU B 398 -19.38 -1.77 -1.18
C LEU B 398 -19.59 -0.72 -0.09
N SER B 399 -20.05 0.46 -0.46
CA SER B 399 -20.15 1.59 0.46
C SER B 399 -21.13 1.31 1.59
N TYR B 400 -22.09 0.45 1.30
CA TYR B 400 -23.19 0.18 2.22
C TYR B 400 -22.90 -0.98 3.17
N LEU B 401 -21.88 -1.76 2.86
CA LEU B 401 -21.59 -2.95 3.65
C LEU B 401 -20.87 -2.64 4.95
N THR B 402 -20.17 -1.51 4.99
CA THR B 402 -19.44 -1.11 6.19
C THR B 402 -20.16 -0.04 7.00
N THR B 403 -21.42 0.24 6.64
CA THR B 403 -22.21 1.23 7.36
C THR B 403 -23.58 0.67 7.73
N THR B 404 -24.40 1.51 8.35
CA THR B 404 -25.73 1.10 8.80
C THR B 404 -26.78 1.95 8.12
N SER B 405 -26.44 2.46 6.93
CA SER B 405 -27.22 3.51 6.28
C SER B 405 -28.28 2.97 5.31
N SER B 406 -28.41 1.65 5.21
CA SER B 406 -29.38 1.06 4.30
C SER B 406 -29.86 -0.29 4.82
N GLN B 407 -30.86 -0.85 4.15
CA GLN B 407 -31.33 -2.18 4.46
C GLN B 407 -30.79 -3.13 3.39
N VAL B 408 -29.80 -3.94 3.77
CA VAL B 408 -29.11 -4.80 2.83
C VAL B 408 -29.80 -6.14 2.68
N ALA B 409 -30.01 -6.59 1.43
CA ALA B 409 -30.60 -7.90 1.18
C ALA B 409 -29.75 -8.98 1.86
N LYS B 410 -30.42 -10.00 2.39
CA LYS B 410 -29.72 -11.02 3.15
C LYS B 410 -29.15 -12.14 2.29
N HIS B 411 -29.57 -12.23 1.03
CA HIS B 411 -29.19 -13.35 0.18
C HIS B 411 -28.56 -12.90 -1.13
N TRP B 412 -27.37 -13.39 -1.42
CA TRP B 412 -26.63 -12.95 -2.60
C TRP B 412 -26.07 -14.14 -3.37
N ARG B 413 -26.16 -14.08 -4.68
CA ARG B 413 -25.54 -15.06 -5.56
C ARG B 413 -24.81 -14.31 -6.66
N ILE B 414 -23.50 -14.43 -6.66
CA ILE B 414 -22.64 -13.66 -7.56
C ILE B 414 -21.78 -14.61 -8.39
N ARG B 415 -21.70 -14.35 -9.70
CA ARG B 415 -20.84 -15.14 -10.58
C ARG B 415 -20.03 -14.18 -11.45
N HIS B 416 -18.78 -14.55 -11.71
CA HIS B 416 -17.98 -13.79 -12.66
C HIS B 416 -17.15 -14.85 -13.36
N GLY B 417 -17.30 -14.95 -14.69
CA GLY B 417 -16.67 -16.04 -15.43
C GLY B 417 -15.15 -16.06 -15.28
N ALA B 418 -14.59 -17.27 -15.19
CA ALA B 418 -13.13 -17.40 -15.05
C ALA B 418 -12.38 -16.91 -16.29
N ALA B 419 -13.08 -16.65 -17.38
CA ALA B 419 -12.43 -16.12 -18.59
C ALA B 419 -12.88 -14.69 -18.90
N ASP B 420 -13.54 -14.06 -17.94
CA ASP B 420 -14.03 -12.69 -18.10
C ASP B 420 -12.94 -11.73 -17.62
N ARG B 421 -12.40 -10.94 -18.54
CA ARG B 421 -11.35 -9.99 -18.19
C ARG B 421 -11.81 -8.54 -18.26
N ASP B 422 -13.12 -8.32 -18.21
CA ASP B 422 -13.66 -6.96 -18.29
C ASP B 422 -13.35 -6.14 -17.02
N THR B 423 -13.14 -6.83 -15.91
CA THR B 423 -12.64 -6.18 -14.70
C THR B 423 -11.82 -7.27 -14.00
N SER B 424 -10.97 -6.90 -13.05
CA SER B 424 -10.13 -7.88 -12.37
C SER B 424 -10.99 -8.82 -11.55
N PHE B 425 -10.58 -10.09 -11.47
CA PHE B 425 -11.22 -11.03 -10.55
C PHE B 425 -11.28 -10.47 -9.12
N ALA B 426 -10.34 -9.61 -8.76
CA ALA B 426 -10.36 -9.01 -7.43
C ALA B 426 -11.66 -8.26 -7.12
N ILE B 427 -12.27 -7.67 -8.15
CA ILE B 427 -13.48 -6.87 -7.93
C ILE B 427 -14.68 -7.69 -7.40
N PRO B 428 -15.11 -8.75 -8.11
CA PRO B 428 -16.21 -9.54 -7.55
C PRO B 428 -15.80 -10.24 -6.27
N ILE B 429 -14.51 -10.58 -6.15
CA ILE B 429 -14.03 -11.31 -4.99
C ILE B 429 -14.11 -10.41 -3.75
N ILE B 430 -13.71 -9.15 -3.88
CA ILE B 430 -13.85 -8.18 -2.79
C ILE B 430 -15.31 -8.07 -2.34
N LEU B 431 -16.24 -7.95 -3.30
CA LEU B 431 -17.66 -7.89 -2.96
C LEU B 431 -18.12 -9.14 -2.20
N ALA B 432 -17.75 -10.32 -2.68
CA ALA B 432 -18.19 -11.58 -2.04
C ALA B 432 -17.66 -11.70 -0.62
N ILE B 433 -16.41 -11.32 -0.43
CA ILE B 433 -15.76 -11.46 0.88
C ILE B 433 -16.37 -10.46 1.85
N MET B 434 -16.55 -9.22 1.38
CA MET B 434 -17.15 -8.21 2.23
CA MET B 434 -17.16 -8.20 2.23
C MET B 434 -18.57 -8.58 2.66
N LEU B 435 -19.33 -9.19 1.76
CA LEU B 435 -20.66 -9.68 2.12
C LEU B 435 -20.55 -10.70 3.24
N GLU B 436 -19.67 -11.69 3.07
CA GLU B 436 -19.49 -12.71 4.09
C GLU B 436 -19.02 -12.12 5.41
N ASN B 437 -18.12 -11.14 5.34
CA ASN B 437 -17.56 -10.53 6.54
C ASN B 437 -18.60 -9.78 7.36
N HIS B 438 -19.69 -9.36 6.71
CA HIS B 438 -20.72 -8.61 7.41
C HIS B 438 -21.99 -9.40 7.62
N GLY B 439 -21.90 -10.70 7.42
CA GLY B 439 -22.96 -11.60 7.84
C GLY B 439 -24.07 -11.76 6.82
N TYR B 440 -23.81 -11.40 5.56
CA TYR B 440 -24.80 -11.59 4.51
C TYR B 440 -24.55 -12.92 3.81
N GLY B 441 -25.63 -13.60 3.41
CA GLY B 441 -25.50 -14.89 2.76
C GLY B 441 -24.96 -14.70 1.36
N ILE B 442 -23.92 -15.44 1.01
CA ILE B 442 -23.27 -15.26 -0.29
C ILE B 442 -22.84 -16.58 -0.91
N ASP B 443 -23.41 -16.84 -2.09
CA ASP B 443 -23.05 -17.98 -2.93
C ASP B 443 -22.20 -17.40 -4.09
N PHE B 444 -20.91 -17.70 -4.10
CA PHE B 444 -19.98 -17.10 -5.08
C PHE B 444 -19.13 -18.15 -5.80
N ALA B 445 -18.86 -17.91 -7.08
CA ALA B 445 -17.95 -18.74 -7.85
C ALA B 445 -17.44 -18.02 -9.09
N LEU B 446 -16.33 -18.52 -9.63
CA LEU B 446 -15.82 -18.08 -10.92
C LEU B 446 -15.94 -19.23 -11.93
N PRO B 447 -17.08 -19.33 -12.63
CA PRO B 447 -17.33 -20.52 -13.47
C PRO B 447 -16.29 -20.68 -14.56
N TRP B 448 -15.80 -21.91 -14.68
CA TRP B 448 -14.75 -22.22 -15.64
C TRP B 448 -15.07 -21.82 -17.08
N ASP B 449 -14.11 -21.14 -17.71
CA ASP B 449 -14.16 -20.85 -19.14
C ASP B 449 -15.43 -20.11 -19.54
N ILE B 450 -15.95 -19.28 -18.63
CA ILE B 450 -17.12 -18.49 -18.95
C ILE B 450 -16.61 -17.08 -19.25
N PRO B 451 -17.05 -16.51 -20.38
CA PRO B 451 -16.63 -15.19 -20.81
C PRO B 451 -17.52 -14.11 -20.19
N HIS B 452 -17.33 -12.88 -20.62
CA HIS B 452 -18.16 -11.78 -20.14
C HIS B 452 -19.62 -11.98 -20.60
N SER B 453 -20.48 -12.43 -19.68
CA SER B 453 -21.84 -12.86 -20.01
C SER B 453 -22.64 -13.11 -18.73
N GLY B 454 -23.91 -13.48 -18.89
CA GLY B 454 -24.72 -13.85 -17.74
C GLY B 454 -25.81 -14.85 -18.09
N ASP B 455 -26.58 -15.25 -17.08
CA ASP B 455 -27.74 -16.13 -17.27
C ASP B 455 -27.43 -17.48 -17.93
N TYR B 456 -26.19 -17.94 -17.78
CA TYR B 456 -25.74 -19.18 -18.42
C TYR B 456 -25.92 -20.41 -17.55
N ASP B 457 -26.43 -20.21 -16.34
CA ASP B 457 -26.55 -21.30 -15.37
C ASP B 457 -27.92 -21.28 -14.70
N LEU B 458 -28.99 -21.15 -15.49
CA LEU B 458 -30.32 -20.94 -14.93
C LEU B 458 -30.80 -22.07 -14.01
N GLY B 459 -30.40 -23.31 -14.28
CA GLY B 459 -30.75 -24.41 -13.41
C GLY B 459 -30.24 -24.20 -11.99
N ASP B 460 -28.98 -23.79 -11.88
CA ASP B 460 -28.40 -23.50 -10.57
C ASP B 460 -28.98 -22.24 -9.93
N LEU B 461 -29.17 -21.18 -10.72
CA LEU B 461 -29.81 -19.96 -10.20
C LEU B 461 -31.21 -20.24 -9.66
N PHE B 462 -32.03 -20.95 -10.44
CA PHE B 462 -33.40 -21.20 -10.00
C PHE B 462 -33.43 -22.15 -8.82
N SER B 463 -32.48 -23.07 -8.75
CA SER B 463 -32.37 -23.94 -7.58
CA SER B 463 -32.38 -23.93 -7.58
C SER B 463 -32.07 -23.10 -6.33
N TRP B 464 -31.17 -22.13 -6.49
CA TRP B 464 -30.82 -21.23 -5.39
C TRP B 464 -32.02 -20.40 -4.95
N ILE B 465 -32.73 -19.83 -5.91
CA ILE B 465 -33.95 -19.05 -5.62
C ILE B 465 -34.97 -19.92 -4.86
N ASP B 466 -35.22 -21.12 -5.37
CA ASP B 466 -36.21 -22.03 -4.79
C ASP B 466 -35.84 -22.40 -3.35
N GLY B 467 -34.55 -22.59 -3.10
CA GLY B 467 -34.08 -22.89 -1.76
C GLY B 467 -34.38 -21.77 -0.77
N LEU B 468 -34.41 -20.53 -1.27
CA LEU B 468 -34.68 -19.38 -0.40
C LEU B 468 -36.17 -19.18 -0.14
N CYS B 469 -37.02 -19.65 -1.04
CA CYS B 469 -38.43 -19.29 -1.05
C CYS B 469 -39.41 -20.43 -0.75
N GLN B 470 -38.91 -21.56 -0.30
CA GLN B 470 -39.78 -22.71 -0.11
C GLN B 470 -39.73 -23.21 1.33
C01 EGR C . 28.94 10.22 3.44
C02 EGR C . 28.13 10.84 4.54
O03 EGR C . 27.49 10.02 5.49
C04 EGR C . 27.33 8.64 5.34
O05 EGR C . 27.70 7.83 6.18
C06 EGR C . 26.39 8.16 4.30
C07 EGR C . 26.36 6.81 4.00
C08 EGR C . 25.51 6.36 3.01
O09 EGR C . 25.47 5.02 2.71
C10 EGR C . 24.69 7.27 2.34
O11 EGR C . 23.84 6.81 1.36
C12 EGR C . 24.72 8.62 2.66
O13 EGR C . 23.93 9.52 2.01
C14 EGR C . 25.58 9.07 3.64
O1 PG4 D . 22.86 -12.00 -14.49
C1 PG4 D . 22.40 -11.21 -13.46
C2 PG4 D . 21.08 -10.52 -13.64
O2 PG4 D . 21.03 -9.16 -13.41
C3 PG4 D . 20.25 -8.37 -14.23
C4 PG4 D . 20.93 -7.72 -15.38
O3 PG4 D . 20.21 -7.42 -16.51
C5 PG4 D . 20.76 -6.56 -17.43
C6 PG4 D . 22.17 -6.82 -17.82
O4 PG4 D . 22.56 -6.44 -19.10
C7 PG4 D . 23.49 -7.20 -19.77
C8 PG4 D . 24.91 -7.10 -19.32
O5 PG4 D . 25.35 -8.07 -18.45
C1 PEG E . 13.24 16.08 -18.26
O1 PEG E . 14.48 15.53 -18.02
C2 PEG E . 12.04 15.20 -18.09
O2 PEG E . 10.89 15.81 -17.67
C3 PEG E . 10.95 16.70 -16.63
C4 PEG E . 9.73 16.98 -15.85
O4 PEG E . 9.83 17.93 -14.85
C1 PGE F . 5.16 15.71 1.61
O1 PGE F . 5.30 16.26 0.35
C2 PGE F . 5.79 14.39 1.87
O2 PGE F . 5.30 13.35 1.12
C3 PGE F . 3.94 13.22 1.04
C4 PGE F . 3.36 12.31 0.03
O4 PGE F . 2.22 14.93 -2.86
C6 PGE F . 2.06 14.55 -1.53
C5 PGE F . 1.52 13.19 -1.27
O3 PGE F . 1.99 12.46 -0.20
C1 PEG G . 9.11 9.37 19.05
O1 PEG G . 9.52 9.52 20.36
C2 PEG G . 8.66 10.59 18.34
O2 PEG G . 7.66 10.44 17.40
C3 PEG G . 6.95 11.54 16.99
C4 PEG G . 5.68 11.87 17.72
O4 PEG G . 5.54 13.16 18.20
C1 PEG H . 26.27 -16.42 5.93
O1 PEG H . 26.59 -17.35 4.95
C2 PEG H . 27.01 -16.45 7.21
O2 PEG H . 26.38 -15.93 8.31
C3 PEG H . 25.97 -16.80 9.31
C4 PEG H . 25.08 -16.29 10.39
O4 PEG H . 24.80 -17.15 11.42
C1 PEG I . -0.40 19.45 -0.04
O1 PEG I . 0.52 18.67 -0.73
C2 PEG I . -1.38 18.75 0.84
O2 PEG I . -1.74 19.38 2.02
C3 PEG I . -1.17 18.98 3.22
C4 PEG I . -2.01 18.13 4.13
O4 PEG I . -3.37 18.38 4.16
C01 EGR J . -19.83 -4.52 -22.64
C02 EGR J . -21.03 -4.63 -21.72
O03 EGR J . -20.81 -5.05 -20.42
C04 EGR J . -21.01 -4.14 -19.38
O05 EGR J . -22.11 -3.75 -19.03
C06 EGR J . -19.83 -3.34 -19.02
C07 EGR J . -19.96 -2.13 -18.33
C08 EGR J . -18.81 -1.43 -18.05
O09 EGR J . -18.90 -0.24 -17.36
C10 EGR J . -17.56 -1.91 -18.46
O11 EGR J . -16.40 -1.22 -18.17
C12 EGR J . -17.45 -3.12 -19.14
O13 EGR J . -16.24 -3.62 -19.56
C14 EGR J . -18.61 -3.82 -19.43
C1 PGE K . 3.71 -9.85 -11.43
O1 PGE K . 4.79 -9.10 -11.88
C2 PGE K . 3.90 -10.65 -10.19
O2 PGE K . 2.81 -10.84 -9.36
C3 PGE K . 2.39 -9.86 -8.48
C4 PGE K . 0.91 -9.73 -8.20
O4 PGE K . -0.59 -12.52 -11.06
C6 PGE K . -1.43 -11.65 -10.39
C5 PGE K . -0.83 -10.46 -9.72
O3 PGE K . 0.05 -10.71 -8.67
C1 PEG L . -6.63 -40.15 -12.11
O1 PEG L . -5.79 -40.88 -11.28
C2 PEG L . -6.07 -39.67 -13.41
O2 PEG L . -6.66 -38.55 -13.99
C3 PEG L . -7.99 -38.59 -14.37
C4 PEG L . -8.33 -39.37 -15.58
O4 PEG L . -9.61 -39.26 -16.07
C1 PEG M . -13.30 -16.37 -0.81
O1 PEG M . -13.16 -17.74 -0.78
C2 PEG M . -14.58 -15.80 -1.35
O2 PEG M . -15.76 -16.38 -0.91
C3 PEG M . -16.78 -15.58 -0.43
C4 PEG M . -18.15 -16.18 -0.45
O4 PEG M . -18.33 -17.43 0.13
C1 PEG N . -40.09 5.26 1.74
O1 PEG N . -39.97 6.62 1.72
C2 PEG N . -41.44 4.67 1.90
O2 PEG N . -41.78 4.18 3.14
C3 PEG N . -42.99 3.51 3.29
C4 PEG N . -44.24 4.19 2.83
O4 PEG N . -44.61 5.38 3.43
C1 PEG O . -27.31 15.71 -5.25
O1 PEG O . -26.15 16.22 -4.68
C2 PEG O . -27.84 14.51 -4.57
O2 PEG O . -27.76 14.48 -3.20
C3 PEG O . -28.29 13.38 -2.54
C4 PEG O . -28.97 13.59 -1.23
O4 PEG O . -28.34 14.39 -0.32
#